data_8GIC
#
_entry.id   8GIC
#
_cell.length_a   42.218
_cell.length_b   123.794
_cell.length_c   176.587
_cell.angle_alpha   90.000
_cell.angle_beta   90.000
_cell.angle_gamma   90.000
#
_symmetry.space_group_name_H-M   'P 2 21 21'
#
loop_
_entity.id
_entity.type
_entity.pdbx_description
1 polymer 'Non-ribosomal peptide synthetase'
2 polymer 'MbtH-like short polypeptide'
3 non-polymer '2-(N-MORPHOLINO)-ETHANESULFONIC ACID'
4 non-polymer '(2S)-AMINO(4-HYDROXYPHENYL)ACETIC ACID'
5 water water
#
loop_
_entity_poly.entity_id
_entity_poly.type
_entity_poly.pdbx_seq_one_letter_code
_entity_poly.pdbx_strand_id
1 'polypeptide(L)'
;MSTVPELLARQVTRAPDAVAVVDRDRVLTYRELDELAGRLSGRLIGRGVRRGDRVAVLLDRSADLVVTLLAIWKAGAAYV
PVDAGYPAPRVAFMVADSGASRMVCSAATRDGVPEGIEAIVVTDEEAFEASAAGARPGDLAYVMYTSGSTGIPKGVAVPH
RSVAELAGNPGWAVEPGDAVLMHAPYAFDASLFEIWVPLVSGGRVVIAEPGPVDARRLREAISSGVTRAHLTAGSFRAVA
EESPESFAGLREVLTGGDVVPAHAVARVRSACPRVRIRHLYGPTETTLCATWHLLEPGDEIGPVLPIGRPLPGRRAQVLD
ASLRAVAPGVIGDLYLSGAGLADGYLRRAGLTAERFVADPSAPGARMYRTGDLAQWTADGALLFAGRADDQGSHHHHHH
;
A,B
2 'polypeptide(L)' MTNPFDNEDGSFLVLVNGEGQHSLWPAFAEVPDGWTGVHGPASRQDCLGYVEQNWTDLRPKSLISQISD C,D
#
# COMPACT_ATOMS: atom_id res chain seq x y z
N SER A 2 -0.03 23.94 -10.87
CA SER A 2 -0.26 23.13 -12.06
C SER A 2 -1.74 23.21 -12.43
N THR A 3 -2.12 22.56 -13.54
CA THR A 3 -3.51 22.40 -13.95
C THR A 3 -3.67 20.97 -14.46
N VAL A 4 -4.88 20.43 -14.34
CA VAL A 4 -5.15 19.10 -14.90
C VAL A 4 -4.86 19.08 -16.39
N PRO A 5 -5.22 20.09 -17.18
CA PRO A 5 -4.83 20.03 -18.61
C PRO A 5 -3.33 19.94 -18.83
N GLU A 6 -2.52 20.64 -18.00
CA GLU A 6 -1.06 20.52 -18.14
C GLU A 6 -0.60 19.09 -17.84
N LEU A 7 -1.12 18.50 -16.76
CA LEU A 7 -0.75 17.14 -16.42
C LEU A 7 -1.22 16.13 -17.48
N LEU A 8 -2.45 16.32 -17.99
CA LEU A 8 -2.95 15.48 -19.07
C LEU A 8 -2.08 15.59 -20.31
N ALA A 9 -1.61 16.79 -20.63
CA ALA A 9 -0.80 16.98 -21.84
C ALA A 9 0.46 16.15 -21.79
N ARG A 10 1.03 15.94 -20.60
CA ARG A 10 2.21 15.09 -20.48
C ARG A 10 1.88 13.67 -20.89
N GLN A 11 0.67 13.21 -20.55
CA GLN A 11 0.30 11.85 -20.90
C GLN A 11 -0.05 11.73 -22.38
N VAL A 12 -0.68 12.77 -22.97
CA VAL A 12 -0.93 12.75 -24.40
C VAL A 12 0.38 12.64 -25.17
N THR A 13 1.41 13.36 -24.71
CA THR A 13 2.70 13.29 -25.36
C THR A 13 3.34 11.93 -25.17
N ARG A 14 3.23 11.36 -23.96
CA ARG A 14 3.96 10.14 -23.67
C ARG A 14 3.37 8.93 -24.37
N ALA A 15 2.05 8.83 -24.43
CA ALA A 15 1.36 7.66 -24.97
C ALA A 15 0.07 8.12 -25.63
N PRO A 16 0.18 8.78 -26.78
CA PRO A 16 -1.03 9.33 -27.41
C PRO A 16 -2.04 8.30 -27.82
N ASP A 17 -1.60 7.07 -28.12
CA ASP A 17 -2.51 6.05 -28.60
C ASP A 17 -3.02 5.12 -27.51
N ALA A 18 -2.67 5.40 -26.25
CA ALA A 18 -3.29 4.71 -25.13
C ALA A 18 -4.76 5.08 -25.01
N VAL A 19 -5.55 4.15 -24.47
CA VAL A 19 -6.98 4.39 -24.29
C VAL A 19 -7.20 5.34 -23.13
N ALA A 20 -8.02 6.37 -23.35
CA ALA A 20 -8.38 7.34 -22.32
C ALA A 20 -9.79 7.15 -21.80
N VAL A 21 -10.76 6.94 -22.68
CA VAL A 21 -12.17 6.88 -22.28
C VAL A 21 -12.82 5.72 -23.02
N VAL A 22 -13.53 4.89 -22.28
CA VAL A 22 -14.33 3.79 -22.83
C VAL A 22 -15.78 4.10 -22.51
N ASP A 23 -16.61 4.24 -23.54
CA ASP A 23 -18.03 4.54 -23.38
C ASP A 23 -18.81 3.61 -24.30
N ARG A 24 -19.39 2.55 -23.75
CA ARG A 24 -20.09 1.53 -24.55
C ARG A 24 -19.09 1.05 -25.60
N ASP A 25 -19.39 1.19 -26.88
CA ASP A 25 -18.51 0.79 -27.97
C ASP A 25 -17.63 1.92 -28.48
N ARG A 26 -17.80 3.13 -27.94
CA ARG A 26 -16.95 4.25 -28.33
C ARG A 26 -15.71 4.24 -27.44
N VAL A 27 -14.55 4.25 -28.08
CA VAL A 27 -13.28 4.27 -27.36
C VAL A 27 -12.47 5.46 -27.85
N LEU A 28 -12.04 6.30 -26.93
CA LEU A 28 -11.20 7.45 -27.24
C LEU A 28 -9.80 7.24 -26.70
N THR A 29 -8.81 7.41 -27.55
CA THR A 29 -7.44 7.46 -27.09
C THR A 29 -7.14 8.84 -26.49
N TYR A 30 -5.97 8.94 -25.87
CA TYR A 30 -5.52 10.20 -25.30
C TYR A 30 -5.46 11.29 -26.37
N ARG A 31 -4.87 10.98 -27.52
CA ARG A 31 -4.77 11.97 -28.59
C ARG A 31 -6.15 12.33 -29.13
N GLU A 32 -7.03 11.34 -29.28
CA GLU A 32 -8.37 11.60 -29.78
C GLU A 32 -9.16 12.48 -28.81
N LEU A 33 -9.04 12.22 -27.50
CA LEU A 33 -9.71 13.04 -26.51
C LEU A 33 -9.22 14.48 -26.58
N ASP A 34 -7.91 14.66 -26.66
CA ASP A 34 -7.33 16.00 -26.74
C ASP A 34 -7.82 16.74 -27.98
N GLU A 35 -7.85 16.06 -29.14
CA GLU A 35 -8.25 16.73 -30.38
C GLU A 35 -9.73 17.11 -30.34
N LEU A 36 -10.58 16.20 -29.86
CA LEU A 36 -11.99 16.50 -29.73
C LEU A 36 -12.25 17.67 -28.79
N ALA A 37 -11.56 17.70 -27.66
CA ALA A 37 -11.74 18.81 -26.72
C ALA A 37 -11.25 20.11 -27.34
N GLY A 38 -10.17 20.05 -28.09
CA GLY A 38 -9.67 21.24 -28.79
C GLY A 38 -10.65 21.80 -29.79
N ARG A 39 -11.33 20.92 -30.54
CA ARG A 39 -12.32 21.39 -31.50
C ARG A 39 -13.50 22.02 -30.79
N LEU A 40 -14.00 21.40 -29.71
CA LEU A 40 -15.09 21.99 -28.96
C LEU A 40 -14.66 23.26 -28.26
N SER A 41 -13.40 23.35 -27.81
CA SER A 41 -12.89 24.62 -27.26
C SER A 41 -12.95 25.73 -28.31
N GLY A 42 -12.53 25.42 -29.54
CA GLY A 42 -12.65 26.39 -30.61
C GLY A 42 -14.08 26.85 -30.82
N ARG A 43 -15.02 25.91 -30.77
CA ARG A 43 -16.42 26.27 -30.88
C ARG A 43 -16.83 27.19 -29.73
N LEU A 44 -16.39 26.89 -28.52
CA LEU A 44 -16.76 27.72 -27.38
C LEU A 44 -16.18 29.13 -27.50
N ILE A 45 -14.91 29.23 -27.86
CA ILE A 45 -14.30 30.54 -28.05
C ILE A 45 -15.08 31.30 -29.13
N GLY A 46 -15.50 30.59 -30.18
CA GLY A 46 -16.22 31.24 -31.26
C GLY A 46 -17.61 31.73 -30.86
N ARG A 47 -18.23 31.07 -29.89
CA ARG A 47 -19.48 31.53 -29.32
C ARG A 47 -19.28 32.66 -28.31
N GLY A 48 -18.04 33.05 -28.07
CA GLY A 48 -17.74 34.15 -27.18
C GLY A 48 -17.27 33.80 -25.79
N VAL A 49 -16.98 32.52 -25.51
CA VAL A 49 -16.50 32.17 -24.17
C VAL A 49 -15.13 32.78 -23.98
N ARG A 50 -14.92 33.44 -22.85
CA ARG A 50 -13.65 34.09 -22.55
C ARG A 50 -13.12 33.61 -21.20
N ARG A 51 -11.86 33.93 -20.95
CA ARG A 51 -11.19 33.46 -19.74
C ARG A 51 -11.98 33.86 -18.50
N GLY A 52 -12.16 32.92 -17.59
CA GLY A 52 -12.88 33.18 -16.35
C GLY A 52 -14.38 33.01 -16.43
N ASP A 53 -14.96 32.92 -17.63
CA ASP A 53 -16.38 32.66 -17.74
C ASP A 53 -16.74 31.33 -17.07
N ARG A 54 -17.95 31.25 -16.56
CA ARG A 54 -18.54 30.01 -16.09
C ARG A 54 -19.43 29.47 -17.20
N VAL A 55 -19.26 28.21 -17.53
CA VAL A 55 -20.08 27.53 -18.55
C VAL A 55 -20.78 26.37 -17.87
N ALA A 56 -22.11 26.39 -17.87
CA ALA A 56 -22.86 25.30 -17.28
C ALA A 56 -22.81 24.07 -18.20
N VAL A 57 -22.95 22.90 -17.60
CA VAL A 57 -22.92 21.63 -18.33
C VAL A 57 -24.12 20.81 -17.88
N LEU A 58 -24.93 20.36 -18.85
CA LEU A 58 -26.13 19.57 -18.60
C LEU A 58 -26.06 18.34 -19.52
N LEU A 59 -25.40 17.28 -19.05
CA LEU A 59 -25.17 16.11 -19.89
C LEU A 59 -25.24 14.84 -19.05
N ASP A 60 -25.59 13.73 -19.72
CA ASP A 60 -25.49 12.42 -19.09
C ASP A 60 -24.04 11.96 -19.18
N ARG A 61 -23.62 11.12 -18.23
CA ARG A 61 -22.26 10.63 -18.30
C ARG A 61 -22.03 9.90 -19.61
N SER A 62 -20.88 10.15 -20.23
CA SER A 62 -20.61 9.78 -21.60
C SER A 62 -19.21 10.29 -21.94
N ALA A 63 -18.67 9.82 -23.07
CA ALA A 63 -17.43 10.39 -23.55
C ALA A 63 -17.60 11.86 -23.86
N ASP A 64 -18.77 12.26 -24.36
CA ASP A 64 -18.99 13.68 -24.66
C ASP A 64 -18.88 14.55 -23.42
N LEU A 65 -19.30 14.03 -22.27
CA LEU A 65 -19.14 14.77 -21.01
C LEU A 65 -17.66 15.04 -20.71
N VAL A 66 -16.81 14.02 -20.82
CA VAL A 66 -15.38 14.24 -20.56
C VAL A 66 -14.82 15.24 -21.56
N VAL A 67 -15.21 15.11 -22.83
CA VAL A 67 -14.74 16.05 -23.84
C VAL A 67 -15.15 17.47 -23.48
N THR A 68 -16.37 17.63 -22.99
CA THR A 68 -16.94 18.95 -22.71
C THR A 68 -16.20 19.62 -21.55
N LEU A 69 -16.00 18.89 -20.45
CA LEU A 69 -15.28 19.48 -19.32
C LEU A 69 -13.89 19.93 -19.73
N LEU A 70 -13.16 19.09 -20.47
CA LEU A 70 -11.83 19.47 -20.91
C LEU A 70 -11.87 20.64 -21.88
N ALA A 71 -12.88 20.70 -22.74
CA ALA A 71 -13.00 21.80 -23.69
C ALA A 71 -13.24 23.13 -22.98
N ILE A 72 -14.11 23.12 -21.98
CA ILE A 72 -14.37 24.31 -21.19
C ILE A 72 -13.07 24.81 -20.56
N TRP A 73 -12.29 23.88 -20.01
CA TRP A 73 -11.02 24.24 -19.43
C TRP A 73 -10.04 24.79 -20.47
N LYS A 74 -9.98 24.17 -21.65
CA LYS A 74 -9.07 24.65 -22.70
C LYS A 74 -9.44 26.06 -23.17
N ALA A 75 -10.70 26.43 -23.07
CA ALA A 75 -11.17 27.77 -23.42
C ALA A 75 -10.89 28.80 -22.33
N GLY A 76 -10.25 28.38 -21.24
CA GLY A 76 -9.94 29.30 -20.16
C GLY A 76 -11.06 29.49 -19.16
N ALA A 77 -12.14 28.72 -19.27
CA ALA A 77 -13.35 28.89 -18.50
C ALA A 77 -13.45 27.82 -17.41
N ALA A 78 -14.46 27.98 -16.57
CA ALA A 78 -14.73 27.08 -15.45
C ALA A 78 -16.05 26.39 -15.72
N TYR A 79 -16.16 25.11 -15.40
CA TYR A 79 -17.42 24.44 -15.63
C TYR A 79 -18.30 24.44 -14.40
N VAL A 80 -19.60 24.55 -14.64
CA VAL A 80 -20.61 24.51 -13.61
C VAL A 80 -21.47 23.27 -13.87
N PRO A 81 -21.18 22.16 -13.19
CA PRO A 81 -21.84 20.90 -13.52
C PRO A 81 -23.23 20.85 -12.91
N VAL A 82 -24.20 20.54 -13.77
CA VAL A 82 -25.60 20.46 -13.39
C VAL A 82 -26.11 19.07 -13.75
N ASP A 83 -26.68 18.39 -12.78
CA ASP A 83 -27.26 17.07 -13.02
C ASP A 83 -28.53 17.19 -13.84
N ALA A 84 -28.59 16.47 -14.96
CA ALA A 84 -29.72 16.60 -15.88
C ALA A 84 -31.03 16.24 -15.20
N GLY A 85 -30.98 15.55 -14.06
CA GLY A 85 -32.17 15.17 -13.32
C GLY A 85 -32.60 16.14 -12.25
N TYR A 86 -31.97 17.30 -12.14
CA TYR A 86 -32.37 18.29 -11.16
C TYR A 86 -33.67 18.97 -11.59
N PRO A 87 -34.50 19.39 -10.63
CA PRO A 87 -35.68 20.18 -10.98
C PRO A 87 -35.29 21.51 -11.62
N ALA A 88 -36.17 22.04 -12.45
CA ALA A 88 -35.86 23.26 -13.18
C ALA A 88 -35.51 24.43 -12.28
N PRO A 89 -36.17 24.65 -11.13
CA PRO A 89 -35.77 25.79 -10.29
C PRO A 89 -34.37 25.64 -9.74
N ARG A 90 -33.95 24.42 -9.40
CA ARG A 90 -32.57 24.21 -8.97
C ARG A 90 -31.59 24.52 -10.09
N VAL A 91 -31.87 24.06 -11.32
CA VAL A 91 -31.01 24.38 -12.44
C VAL A 91 -30.95 25.89 -12.68
N ALA A 92 -32.10 26.56 -12.65
CA ALA A 92 -32.09 27.99 -12.88
C ALA A 92 -31.25 28.70 -11.85
N PHE A 93 -31.35 28.27 -10.59
CA PHE A 93 -30.59 28.91 -9.53
C PHE A 93 -29.09 28.72 -9.76
N MET A 94 -28.67 27.49 -10.05
CA MET A 94 -27.24 27.25 -10.23
C MET A 94 -26.68 28.06 -11.37
N VAL A 95 -27.41 28.16 -12.49
CA VAL A 95 -26.92 28.93 -13.63
C VAL A 95 -26.81 30.41 -13.27
N ALA A 96 -27.86 30.96 -12.64
CA ALA A 96 -27.88 32.40 -12.37
C ALA A 96 -26.89 32.76 -11.27
N ASP A 97 -26.86 31.97 -10.19
CA ASP A 97 -25.94 32.26 -9.10
C ASP A 97 -24.48 32.16 -9.55
N SER A 98 -24.16 31.20 -10.43
CA SER A 98 -22.78 31.05 -10.87
C SER A 98 -22.39 32.06 -11.94
N GLY A 99 -23.36 32.80 -12.49
CA GLY A 99 -23.04 33.75 -13.53
C GLY A 99 -22.79 33.13 -14.88
N ALA A 100 -23.30 31.93 -15.13
CA ALA A 100 -23.13 31.27 -16.42
C ALA A 100 -24.14 31.85 -17.40
N SER A 101 -23.68 32.26 -18.58
CA SER A 101 -24.64 32.71 -19.61
C SER A 101 -24.86 31.68 -20.71
N ARG A 102 -24.10 30.57 -20.69
CA ARG A 102 -24.16 29.54 -21.71
C ARG A 102 -24.13 28.18 -21.03
N MET A 103 -24.69 27.19 -21.70
N MET A 103 -24.72 27.18 -21.68
CA MET A 103 -24.80 25.85 -21.18
CA MET A 103 -24.82 25.83 -21.11
C MET A 103 -24.52 24.89 -22.31
C MET A 103 -24.67 24.78 -22.20
N VAL A 104 -23.67 23.91 -22.07
CA VAL A 104 -23.47 22.82 -23.01
C VAL A 104 -24.46 21.72 -22.67
N CYS A 105 -25.16 21.24 -23.69
CA CYS A 105 -26.20 20.25 -23.49
C CYS A 105 -26.15 19.30 -24.68
N SER A 106 -27.03 18.31 -24.64
CA SER A 106 -27.21 17.36 -25.73
C SER A 106 -28.64 17.49 -26.24
N ALA A 107 -28.90 16.90 -27.41
CA ALA A 107 -30.28 16.86 -27.87
C ALA A 107 -31.20 16.39 -26.74
N ALA A 108 -30.82 15.31 -26.06
CA ALA A 108 -31.69 14.71 -25.05
C ALA A 108 -31.95 15.63 -23.86
N THR A 109 -30.99 16.47 -23.49
CA THR A 109 -31.15 17.38 -22.35
C THR A 109 -31.49 18.80 -22.75
N ARG A 110 -31.66 19.06 -24.05
CA ARG A 110 -31.77 20.42 -24.56
C ARG A 110 -32.88 21.19 -23.88
N ASP A 111 -33.97 20.49 -23.53
CA ASP A 111 -35.13 21.19 -22.98
C ASP A 111 -34.91 21.66 -21.55
N GLY A 112 -33.82 21.22 -20.90
CA GLY A 112 -33.51 21.63 -19.55
C GLY A 112 -32.70 22.91 -19.43
N VAL A 113 -32.25 23.47 -20.53
CA VAL A 113 -31.54 24.75 -20.51
C VAL A 113 -32.53 25.84 -20.12
N PRO A 114 -32.25 26.64 -19.08
CA PRO A 114 -33.22 27.68 -18.69
C PRO A 114 -33.39 28.74 -19.77
N GLU A 115 -34.54 29.42 -19.72
CA GLU A 115 -34.81 30.49 -20.67
C GLU A 115 -33.79 31.61 -20.48
N GLY A 116 -33.30 32.15 -21.60
CA GLY A 116 -32.33 33.21 -21.58
C GLY A 116 -30.89 32.76 -21.59
N ILE A 117 -30.65 31.46 -21.56
CA ILE A 117 -29.30 30.89 -21.51
C ILE A 117 -29.01 30.28 -22.88
N GLU A 118 -27.88 30.64 -23.45
CA GLU A 118 -27.47 30.06 -24.73
C GLU A 118 -27.20 28.58 -24.57
N ALA A 119 -27.86 27.77 -25.39
CA ALA A 119 -27.62 26.33 -25.42
C ALA A 119 -26.56 26.04 -26.48
N ILE A 120 -25.57 25.23 -26.11
CA ILE A 120 -24.53 24.76 -27.02
C ILE A 120 -24.70 23.25 -27.08
N VAL A 121 -25.24 22.76 -28.20
CA VAL A 121 -25.58 21.34 -28.33
C VAL A 121 -24.34 20.59 -28.74
N VAL A 122 -23.88 19.67 -27.89
CA VAL A 122 -22.55 19.11 -28.07
C VAL A 122 -22.50 18.19 -29.29
N THR A 123 -23.63 17.61 -29.66
CA THR A 123 -23.70 16.64 -30.75
C THR A 123 -23.91 17.27 -32.12
N ASP A 124 -24.03 18.59 -32.20
CA ASP A 124 -24.15 19.26 -33.50
C ASP A 124 -22.85 19.15 -34.27
N ALA A 127 -18.12 24.10 -37.19
CA ALA A 127 -17.16 24.34 -38.25
C ALA A 127 -16.03 25.26 -37.81
N PHE A 128 -16.08 25.70 -36.55
CA PHE A 128 -14.94 26.41 -35.99
C PHE A 128 -13.75 25.47 -35.92
N GLU A 129 -12.56 26.06 -35.99
CA GLU A 129 -11.33 25.29 -35.93
C GLU A 129 -10.87 25.15 -34.49
N ALA A 130 -10.21 24.03 -34.19
CA ALA A 130 -9.67 23.81 -32.86
C ALA A 130 -8.83 25.01 -32.43
N SER A 131 -9.04 25.44 -31.19
CA SER A 131 -8.32 26.59 -30.64
C SER A 131 -8.42 26.53 -29.14
N ALA A 132 -7.35 26.93 -28.45
CA ALA A 132 -7.36 26.91 -27.00
C ALA A 132 -6.71 28.16 -26.43
N ALA A 133 -7.38 28.72 -25.42
CA ALA A 133 -6.78 29.81 -24.64
C ALA A 133 -5.82 29.27 -23.59
N GLY A 134 -6.10 28.08 -23.07
CA GLY A 134 -5.22 27.46 -22.09
C GLY A 134 -5.68 27.67 -20.67
N ALA A 135 -5.65 26.60 -19.88
CA ALA A 135 -6.00 26.72 -18.47
C ALA A 135 -4.82 27.28 -17.68
N ARG A 136 -5.14 28.04 -16.63
CA ARG A 136 -4.13 28.62 -15.75
C ARG A 136 -4.41 28.30 -14.28
N PRO A 137 -3.35 28.15 -13.48
CA PRO A 137 -3.53 27.59 -12.14
C PRO A 137 -4.37 28.43 -11.20
N GLY A 138 -4.33 29.75 -11.33
CA GLY A 138 -5.11 30.61 -10.46
C GLY A 138 -6.52 30.86 -10.92
N ASP A 139 -6.85 30.45 -12.16
CA ASP A 139 -8.20 30.60 -12.65
C ASP A 139 -9.12 29.54 -12.04
N LEU A 140 -10.41 29.83 -12.03
CA LEU A 140 -11.38 28.86 -11.55
C LEU A 140 -11.48 27.70 -12.52
N ALA A 141 -11.55 26.49 -11.97
CA ALA A 141 -11.75 25.27 -12.74
C ALA A 141 -13.20 24.86 -12.77
N TYR A 142 -13.91 25.02 -11.65
CA TYR A 142 -15.33 24.68 -11.58
C TYR A 142 -15.96 25.39 -10.40
N VAL A 143 -17.29 25.42 -10.42
CA VAL A 143 -18.11 25.87 -9.29
C VAL A 143 -19.05 24.71 -8.99
N MET A 144 -18.87 24.06 -7.85
CA MET A 144 -19.69 22.93 -7.45
C MET A 144 -20.55 23.34 -6.28
N TYR A 145 -21.85 23.01 -6.34
CA TYR A 145 -22.78 23.44 -5.32
C TYR A 145 -22.87 22.44 -4.18
N THR A 146 -22.88 22.98 -2.96
CA THR A 146 -23.00 22.21 -1.73
C THR A 146 -23.98 22.91 -0.81
N SER A 147 -24.84 22.12 -0.17
CA SER A 147 -25.69 22.64 0.90
C SER A 147 -25.22 22.21 2.28
N GLY A 148 -24.21 21.36 2.38
CA GLY A 148 -23.78 20.89 3.68
C GLY A 148 -24.94 20.34 4.49
N SER A 149 -24.96 20.68 5.77
CA SER A 149 -26.07 20.34 6.63
C SER A 149 -27.01 21.52 6.86
N THR A 150 -26.95 22.53 5.99
CA THR A 150 -27.73 23.75 6.16
C THR A 150 -29.02 23.76 5.36
N GLY A 151 -29.01 23.18 4.16
CA GLY A 151 -30.13 23.30 3.25
C GLY A 151 -30.05 24.49 2.33
N ILE A 152 -29.07 25.36 2.51
CA ILE A 152 -28.86 26.51 1.63
C ILE A 152 -27.74 26.17 0.67
N PRO A 153 -28.00 26.09 -0.64
CA PRO A 153 -26.92 25.77 -1.59
C PRO A 153 -26.00 26.97 -1.82
N LYS A 154 -24.70 26.70 -1.80
CA LYS A 154 -23.66 27.68 -2.07
C LYS A 154 -22.75 27.10 -3.14
N GLY A 155 -22.23 27.96 -4.01
CA GLY A 155 -21.29 27.55 -5.03
C GLY A 155 -19.85 27.61 -4.54
N VAL A 156 -19.19 26.46 -4.50
CA VAL A 156 -17.79 26.38 -4.08
C VAL A 156 -16.92 26.57 -5.33
N ALA A 157 -16.15 27.66 -5.33
CA ALA A 157 -15.32 28.04 -6.47
C ALA A 157 -13.91 27.50 -6.27
N VAL A 158 -13.52 26.54 -7.10
CA VAL A 158 -12.25 25.82 -6.91
C VAL A 158 -11.30 26.16 -8.05
N PRO A 159 -10.08 26.62 -7.75
CA PRO A 159 -9.13 26.96 -8.82
C PRO A 159 -8.43 25.73 -9.37
N HIS A 160 -7.91 25.89 -10.59
CA HIS A 160 -7.17 24.81 -11.25
C HIS A 160 -6.08 24.23 -10.36
N ARG A 161 -5.32 25.08 -9.67
CA ARG A 161 -4.21 24.58 -8.87
C ARG A 161 -4.69 23.55 -7.84
N SER A 162 -5.86 23.77 -7.25
CA SER A 162 -6.35 22.84 -6.25
C SER A 162 -6.78 21.52 -6.87
N VAL A 163 -7.42 21.58 -8.05
CA VAL A 163 -7.85 20.34 -8.71
C VAL A 163 -6.64 19.50 -9.10
N ALA A 164 -5.57 20.17 -9.57
CA ALA A 164 -4.36 19.47 -9.96
C ALA A 164 -3.63 18.88 -8.76
N GLU A 165 -3.59 19.60 -7.64
CA GLU A 165 -2.98 19.05 -6.43
C GLU A 165 -3.68 17.76 -6.02
N LEU A 166 -5.02 17.73 -6.11
CA LEU A 166 -5.77 16.51 -5.84
C LEU A 166 -5.50 15.45 -6.91
N ALA A 167 -5.72 15.78 -8.19
CA ALA A 167 -5.68 14.73 -9.21
C ALA A 167 -4.29 14.14 -9.37
N GLY A 168 -3.25 14.96 -9.25
CA GLY A 168 -1.89 14.50 -9.45
C GLY A 168 -1.21 13.97 -8.20
N ASN A 169 -1.93 13.83 -7.10
CA ASN A 169 -1.30 13.42 -5.86
C ASN A 169 -0.63 12.07 -6.01
N PRO A 170 0.63 11.93 -5.59
CA PRO A 170 1.31 10.64 -5.77
C PRO A 170 0.68 9.49 -5.01
N GLY A 171 -0.06 9.77 -3.94
CA GLY A 171 -0.67 8.70 -3.13
C GLY A 171 -1.76 7.91 -3.83
N TRP A 172 -2.38 8.45 -4.90
CA TRP A 172 -3.44 7.70 -5.54
C TRP A 172 -2.94 6.37 -6.09
N ALA A 173 -1.69 6.34 -6.56
CA ALA A 173 -1.06 5.11 -7.04
C ALA A 173 -1.77 4.54 -8.25
N VAL A 174 -2.39 5.41 -9.07
CA VAL A 174 -3.02 4.97 -10.30
C VAL A 174 -2.00 4.99 -11.42
N GLU A 175 -1.97 3.92 -12.20
CA GLU A 175 -0.95 3.68 -13.22
C GLU A 175 -1.57 3.60 -14.60
N PRO A 176 -0.76 3.61 -15.66
CA PRO A 176 -1.34 3.50 -17.01
C PRO A 176 -2.17 2.27 -17.25
N GLY A 177 -1.88 1.13 -16.62
CA GLY A 177 -2.73 -0.01 -16.85
C GLY A 177 -4.06 0.00 -16.11
N ASP A 178 -4.30 0.99 -15.27
CA ASP A 178 -5.52 1.03 -14.48
C ASP A 178 -6.71 1.47 -15.32
N ALA A 179 -7.89 1.01 -14.92
CA ALA A 179 -9.16 1.37 -15.53
C ALA A 179 -10.10 1.72 -14.39
N VAL A 180 -10.60 2.96 -14.36
CA VAL A 180 -11.40 3.44 -13.23
C VAL A 180 -12.85 3.55 -13.68
N LEU A 181 -13.76 3.01 -12.87
CA LEU A 181 -15.18 3.07 -13.21
C LEU A 181 -15.73 4.46 -12.90
N MET A 182 -16.45 5.03 -13.86
CA MET A 182 -16.99 6.39 -13.74
C MET A 182 -18.50 6.27 -13.62
N HIS A 183 -19.05 6.65 -12.46
CA HIS A 183 -20.49 6.62 -12.26
C HIS A 183 -20.99 7.68 -11.28
N ALA A 184 -20.10 8.32 -10.53
CA ALA A 184 -20.53 9.38 -9.64
C ALA A 184 -21.06 10.56 -10.46
N PRO A 185 -22.03 11.30 -9.94
CA PRO A 185 -22.46 12.53 -10.64
C PRO A 185 -21.29 13.48 -10.81
N TYR A 186 -21.13 14.03 -12.01
CA TYR A 186 -20.06 14.99 -12.23
C TYR A 186 -20.34 16.33 -11.52
N ALA A 187 -21.53 16.49 -10.94
CA ALA A 187 -21.83 17.64 -10.09
C ALA A 187 -21.23 17.51 -8.69
N PHE A 188 -20.69 16.33 -8.37
CA PHE A 188 -20.12 16.02 -7.06
C PHE A 188 -18.64 15.74 -7.24
N ASP A 189 -17.85 15.93 -6.20
CA ASP A 189 -16.43 15.90 -6.52
C ASP A 189 -15.80 14.51 -6.40
N ALA A 190 -16.55 13.44 -6.10
CA ALA A 190 -16.01 12.11 -6.33
C ALA A 190 -15.63 11.92 -7.80
N SER A 191 -16.29 12.65 -8.70
CA SER A 191 -15.95 12.59 -10.10
C SER A 191 -14.51 13.04 -10.39
N LEU A 192 -13.88 13.78 -9.48
CA LEU A 192 -12.49 14.16 -9.71
C LEU A 192 -11.58 12.95 -9.65
N PHE A 193 -11.92 11.97 -8.81
CA PHE A 193 -11.16 10.73 -8.81
C PHE A 193 -11.51 9.86 -10.02
N GLU A 194 -12.78 9.80 -10.40
CA GLU A 194 -13.18 8.87 -11.46
C GLU A 194 -12.77 9.36 -12.83
N ILE A 195 -12.66 10.67 -13.02
CA ILE A 195 -12.29 11.23 -14.32
C ILE A 195 -10.84 11.69 -14.35
N TRP A 196 -10.46 12.62 -13.45
CA TRP A 196 -9.20 13.32 -13.67
C TRP A 196 -7.99 12.53 -13.15
N VAL A 197 -8.15 11.78 -12.06
CA VAL A 197 -7.01 11.00 -11.56
C VAL A 197 -6.49 10.02 -12.61
N PRO A 198 -7.33 9.17 -13.23
CA PRO A 198 -6.77 8.27 -14.25
C PRO A 198 -6.17 9.03 -15.43
N LEU A 199 -6.80 10.14 -15.86
CA LEU A 199 -6.30 10.81 -17.06
C LEU A 199 -4.95 11.48 -16.82
N VAL A 200 -4.69 11.99 -15.62
CA VAL A 200 -3.36 12.55 -15.37
C VAL A 200 -2.34 11.46 -15.10
N SER A 201 -2.80 10.22 -14.97
CA SER A 201 -1.95 9.08 -14.64
C SER A 201 -1.68 8.17 -15.83
N GLY A 202 -2.33 8.40 -16.96
CA GLY A 202 -2.16 7.51 -18.09
C GLY A 202 -3.16 6.37 -18.17
N GLY A 203 -4.07 6.24 -17.20
CA GLY A 203 -5.04 5.17 -17.19
C GLY A 203 -6.26 5.52 -18.02
N ARG A 204 -7.31 4.71 -17.87
N ARG A 204 -7.32 4.72 -17.86
CA ARG A 204 -8.53 4.93 -18.63
CA ARG A 204 -8.53 4.95 -18.64
C ARG A 204 -9.74 5.10 -17.73
C ARG A 204 -9.76 5.06 -17.74
N VAL A 205 -10.73 5.82 -18.25
CA VAL A 205 -11.99 6.08 -17.59
C VAL A 205 -13.02 5.22 -18.29
N VAL A 206 -13.71 4.37 -17.52
CA VAL A 206 -14.71 3.46 -18.07
C VAL A 206 -16.09 3.97 -17.64
N ILE A 207 -16.87 4.48 -18.59
CA ILE A 207 -18.17 5.08 -18.30
C ILE A 207 -19.16 3.97 -17.98
N ALA A 208 -19.76 4.03 -16.80
CA ALA A 208 -20.73 3.01 -16.42
C ALA A 208 -22.02 3.15 -17.24
N GLU A 209 -22.61 2.00 -17.58
CA GLU A 209 -23.93 1.98 -18.22
C GLU A 209 -24.92 2.79 -17.38
N PRO A 210 -25.97 3.34 -17.97
CA PRO A 210 -26.88 4.18 -17.19
C PRO A 210 -27.49 3.43 -16.02
N GLY A 211 -27.75 4.17 -14.95
CA GLY A 211 -28.37 3.60 -13.77
C GLY A 211 -27.34 3.36 -12.69
N PRO A 212 -27.82 2.98 -11.50
CA PRO A 212 -26.92 2.82 -10.37
C PRO A 212 -26.03 1.60 -10.53
N VAL A 213 -24.81 1.72 -10.05
CA VAL A 213 -23.87 0.60 -10.00
C VAL A 213 -24.17 -0.22 -8.75
N ASP A 214 -24.64 -1.46 -8.96
CA ASP A 214 -24.90 -2.43 -7.90
C ASP A 214 -23.83 -3.52 -7.95
N ALA A 215 -23.93 -4.49 -7.05
CA ALA A 215 -22.89 -5.51 -6.96
C ALA A 215 -22.71 -6.26 -8.28
N ARG A 216 -23.81 -6.59 -8.95
CA ARG A 216 -23.71 -7.34 -10.19
C ARG A 216 -23.03 -6.51 -11.27
N ARG A 217 -23.39 -5.24 -11.39
CA ARG A 217 -22.75 -4.40 -12.41
C ARG A 217 -21.28 -4.18 -12.09
N LEU A 218 -20.94 -4.11 -10.81
CA LEU A 218 -19.54 -4.00 -10.42
C LEU A 218 -18.76 -5.25 -10.84
N ARG A 219 -19.33 -6.44 -10.59
CA ARG A 219 -18.67 -7.66 -11.01
C ARG A 219 -18.45 -7.68 -12.53
N GLU A 220 -19.45 -7.24 -13.29
CA GLU A 220 -19.31 -7.19 -14.74
C GLU A 220 -18.24 -6.19 -15.17
N ALA A 221 -18.20 -5.03 -14.52
CA ALA A 221 -17.16 -4.04 -14.85
C ALA A 221 -15.77 -4.58 -14.55
N ILE A 222 -15.63 -5.31 -13.44
CA ILE A 222 -14.33 -5.87 -13.08
C ILE A 222 -13.93 -6.93 -14.11
N SER A 223 -14.89 -7.76 -14.52
CA SER A 223 -14.61 -8.77 -15.53
C SER A 223 -14.15 -8.13 -16.84
N SER A 224 -14.65 -6.93 -17.13
CA SER A 224 -14.30 -6.23 -18.35
C SER A 224 -12.99 -5.46 -18.25
N GLY A 225 -12.35 -5.45 -17.09
CA GLY A 225 -11.06 -4.83 -16.92
C GLY A 225 -10.98 -3.68 -15.93
N VAL A 226 -12.08 -3.29 -15.26
CA VAL A 226 -11.97 -2.23 -14.26
C VAL A 226 -11.13 -2.71 -13.09
N THR A 227 -10.19 -1.85 -12.67
CA THR A 227 -9.26 -2.15 -11.59
C THR A 227 -9.47 -1.30 -10.34
N ARG A 228 -10.15 -0.16 -10.45
CA ARG A 228 -10.38 0.69 -9.29
C ARG A 228 -11.79 1.25 -9.35
N ALA A 229 -12.45 1.31 -8.20
CA ALA A 229 -13.81 1.83 -8.16
C ALA A 229 -14.09 2.49 -6.83
N HIS A 230 -14.76 3.64 -6.89
CA HIS A 230 -15.23 4.35 -5.72
C HIS A 230 -16.72 4.13 -5.58
N LEU A 231 -17.16 3.81 -4.37
CA LEU A 231 -18.58 3.73 -4.03
C LEU A 231 -18.90 4.72 -2.92
N THR A 232 -20.08 5.34 -3.00
CA THR A 232 -20.55 6.12 -1.87
C THR A 232 -20.58 5.24 -0.62
N ALA A 233 -20.50 5.87 0.54
CA ALA A 233 -20.53 5.11 1.79
C ALA A 233 -21.74 4.20 1.86
N GLY A 234 -22.91 4.71 1.46
CA GLY A 234 -24.10 3.88 1.48
C GLY A 234 -24.01 2.66 0.58
N SER A 235 -23.54 2.86 -0.66
N SER A 235 -23.54 2.85 -0.65
CA SER A 235 -23.42 1.73 -1.58
CA SER A 235 -23.44 1.73 -1.58
C SER A 235 -22.36 0.75 -1.12
C SER A 235 -22.36 0.75 -1.12
N PHE A 236 -21.25 1.26 -0.60
CA PHE A 236 -20.19 0.38 -0.10
C PHE A 236 -20.68 -0.47 1.06
N ARG A 237 -21.36 0.16 2.02
CA ARG A 237 -21.88 -0.59 3.16
C ARG A 237 -22.83 -1.67 2.68
N ALA A 238 -23.70 -1.37 1.72
CA ALA A 238 -24.65 -2.36 1.24
C ALA A 238 -23.93 -3.53 0.61
N VAL A 239 -23.04 -3.26 -0.34
CA VAL A 239 -22.38 -4.37 -1.03
C VAL A 239 -21.49 -5.13 -0.06
N ALA A 240 -20.82 -4.41 0.85
CA ALA A 240 -19.94 -5.07 1.82
C ALA A 240 -20.72 -6.06 2.69
N GLU A 241 -21.95 -5.71 3.05
CA GLU A 241 -22.70 -6.58 3.93
C GLU A 241 -23.42 -7.67 3.16
N GLU A 242 -23.78 -7.43 1.90
CA GLU A 242 -24.58 -8.35 1.11
C GLU A 242 -23.75 -9.26 0.20
N SER A 243 -22.66 -8.74 -0.36
CA SER A 243 -21.95 -9.46 -1.41
C SER A 243 -20.50 -8.97 -1.44
N PRO A 244 -19.76 -9.10 -0.35
CA PRO A 244 -18.41 -8.52 -0.30
C PRO A 244 -17.44 -9.15 -1.29
N GLU A 245 -17.72 -10.39 -1.72
CA GLU A 245 -16.90 -11.02 -2.75
C GLU A 245 -17.05 -10.34 -4.10
N SER A 246 -18.02 -9.43 -4.27
CA SER A 246 -18.16 -8.73 -5.54
C SER A 246 -17.01 -7.77 -5.81
N PHE A 247 -16.25 -7.41 -4.80
CA PHE A 247 -15.08 -6.56 -4.99
C PHE A 247 -13.86 -7.33 -5.46
N ALA A 248 -13.95 -8.66 -5.54
CA ALA A 248 -12.77 -9.45 -5.88
C ALA A 248 -12.28 -9.13 -7.28
N GLY A 249 -10.97 -8.95 -7.41
CA GLY A 249 -10.36 -8.62 -8.66
C GLY A 249 -10.03 -7.16 -8.82
N LEU A 250 -10.65 -6.29 -8.02
CA LEU A 250 -10.19 -4.91 -7.99
C LEU A 250 -8.80 -4.81 -7.38
N ARG A 251 -7.99 -3.88 -7.92
N ARG A 251 -8.01 -3.88 -7.91
CA ARG A 251 -6.77 -3.48 -7.23
CA ARG A 251 -6.78 -3.50 -7.21
C ARG A 251 -7.09 -2.64 -6.00
C ARG A 251 -7.09 -2.64 -5.99
N GLU A 252 -8.08 -1.75 -6.10
CA GLU A 252 -8.43 -0.88 -4.98
C GLU A 252 -9.92 -0.53 -5.06
N VAL A 253 -10.59 -0.60 -3.91
CA VAL A 253 -11.94 -0.04 -3.73
C VAL A 253 -11.82 1.14 -2.79
N LEU A 254 -12.53 2.21 -3.11
CA LEU A 254 -12.50 3.45 -2.35
C LEU A 254 -13.92 3.78 -1.93
N THR A 255 -14.05 4.47 -0.80
CA THR A 255 -15.36 4.87 -0.32
C THR A 255 -15.24 6.05 0.62
N GLY A 256 -16.32 6.81 0.71
CA GLY A 256 -16.34 7.94 1.62
C GLY A 256 -17.62 8.71 1.43
N GLY A 257 -17.68 9.83 2.12
CA GLY A 257 -18.87 10.66 2.20
C GLY A 257 -19.45 10.50 3.59
N ASP A 258 -20.50 9.71 3.69
CA ASP A 258 -21.14 9.43 4.97
C ASP A 258 -20.27 8.45 5.77
N VAL A 259 -20.73 8.14 6.98
CA VAL A 259 -19.96 7.29 7.87
C VAL A 259 -19.84 5.89 7.27
N VAL A 260 -18.65 5.30 7.40
CA VAL A 260 -18.42 3.93 7.00
C VAL A 260 -18.01 3.16 8.25
N PRO A 261 -18.77 2.17 8.68
CA PRO A 261 -18.37 1.41 9.88
C PRO A 261 -17.26 0.43 9.57
N ALA A 262 -16.40 0.23 10.56
CA ALA A 262 -15.29 -0.71 10.40
C ALA A 262 -15.78 -2.10 10.00
N HIS A 263 -16.97 -2.52 10.46
CA HIS A 263 -17.44 -3.86 10.15
C HIS A 263 -17.56 -4.08 8.65
N ALA A 264 -18.01 -3.06 7.92
CA ALA A 264 -18.12 -3.18 6.48
C ALA A 264 -16.75 -3.41 5.84
N VAL A 265 -15.74 -2.64 6.25
CA VAL A 265 -14.39 -2.84 5.74
C VAL A 265 -13.89 -4.24 6.11
N ALA A 266 -14.21 -4.70 7.32
CA ALA A 266 -13.75 -6.03 7.72
C ALA A 266 -14.38 -7.12 6.86
N ARG A 267 -15.66 -6.97 6.48
CA ARG A 267 -16.31 -7.92 5.59
C ARG A 267 -15.60 -8.00 4.24
N VAL A 268 -15.21 -6.84 3.68
CA VAL A 268 -14.54 -6.86 2.39
C VAL A 268 -13.17 -7.53 2.52
N ARG A 269 -12.40 -7.18 3.54
CA ARG A 269 -11.06 -7.76 3.71
C ARG A 269 -11.17 -9.28 3.88
N SER A 270 -12.18 -9.74 4.63
N SER A 270 -12.14 -9.74 4.66
CA SER A 270 -12.32 -11.18 4.84
CA SER A 270 -12.34 -11.19 4.83
C SER A 270 -12.68 -11.90 3.54
C SER A 270 -12.58 -11.85 3.48
N ALA A 271 -13.47 -11.27 2.67
CA ALA A 271 -13.83 -11.88 1.39
C ALA A 271 -12.74 -11.69 0.35
N CYS A 272 -11.96 -10.60 0.43
CA CYS A 272 -11.03 -10.19 -0.62
C CYS A 272 -9.71 -9.83 0.03
N PRO A 273 -8.88 -10.82 0.38
CA PRO A 273 -7.67 -10.50 1.13
C PRO A 273 -6.73 -9.56 0.40
N ARG A 274 -6.79 -9.49 -0.93
N ARG A 274 -6.77 -9.53 -0.94
CA ARG A 274 -5.76 -8.79 -1.69
CA ARG A 274 -5.77 -8.85 -1.74
C ARG A 274 -6.18 -7.38 -2.15
C ARG A 274 -6.25 -7.51 -2.30
N VAL A 275 -7.46 -7.05 -2.08
N VAL A 275 -7.44 -7.06 -1.94
CA VAL A 275 -7.94 -5.75 -2.57
CA VAL A 275 -7.94 -5.78 -2.40
C VAL A 275 -7.59 -4.67 -1.55
C VAL A 275 -7.47 -4.68 -1.46
N ARG A 276 -6.95 -3.59 -2.03
CA ARG A 276 -6.68 -2.41 -1.22
C ARG A 276 -8.01 -1.73 -0.92
N ILE A 277 -8.19 -1.29 0.31
CA ILE A 277 -9.41 -0.59 0.72
C ILE A 277 -9.06 0.81 1.23
N ARG A 278 -9.58 1.83 0.56
CA ARG A 278 -9.23 3.20 0.91
C ARG A 278 -10.48 3.97 1.33
N HIS A 279 -10.41 4.56 2.50
CA HIS A 279 -11.46 5.42 3.05
C HIS A 279 -11.04 6.87 2.82
N LEU A 280 -11.93 7.66 2.23
CA LEU A 280 -11.66 9.05 1.96
C LEU A 280 -12.51 9.95 2.85
N TYR A 281 -11.96 11.08 3.28
CA TYR A 281 -12.73 12.08 4.03
C TYR A 281 -12.38 13.49 3.55
N GLY A 282 -13.42 14.30 3.31
CA GLY A 282 -13.21 15.72 3.16
C GLY A 282 -14.39 16.42 2.52
N PRO A 283 -14.49 17.73 2.73
CA PRO A 283 -15.58 18.50 2.14
C PRO A 283 -15.29 19.00 0.73
N THR A 284 -16.37 19.45 0.06
CA THR A 284 -16.21 20.03 -1.28
C THR A 284 -15.28 21.23 -1.24
N GLU A 285 -15.30 21.93 -0.11
CA GLU A 285 -14.49 23.12 0.07
C GLU A 285 -12.99 22.85 0.04
N THR A 286 -12.55 21.59 0.19
CA THR A 286 -11.12 21.32 0.08
C THR A 286 -10.82 20.23 -0.96
N THR A 287 -11.68 20.14 -1.99
CA THR A 287 -11.46 19.37 -3.21
C THR A 287 -11.37 17.87 -2.97
N LEU A 288 -12.55 17.24 -2.91
CA LEU A 288 -12.81 15.80 -2.76
C LEU A 288 -12.40 15.26 -1.40
N CYS A 289 -11.11 15.20 -1.11
CA CYS A 289 -10.70 14.61 0.16
C CYS A 289 -9.42 15.26 0.67
N ALA A 290 -9.35 15.40 1.99
CA ALA A 290 -8.22 15.98 2.68
C ALA A 290 -7.44 14.97 3.51
N THR A 291 -8.09 13.90 3.93
CA THR A 291 -7.46 12.83 4.69
C THR A 291 -7.90 11.49 4.11
N TRP A 292 -7.11 10.44 4.36
CA TRP A 292 -7.52 9.14 3.88
C TRP A 292 -6.87 8.06 4.74
N HIS A 293 -7.46 6.86 4.68
CA HIS A 293 -6.97 5.68 5.41
C HIS A 293 -6.93 4.51 4.44
N LEU A 294 -5.76 3.89 4.31
CA LEU A 294 -5.58 2.80 3.35
C LEU A 294 -5.31 1.51 4.11
N LEU A 295 -6.11 0.49 3.80
CA LEU A 295 -5.90 -0.85 4.34
C LEU A 295 -5.22 -1.67 3.26
N GLU A 296 -3.96 -2.04 3.52
CA GLU A 296 -3.19 -2.81 2.57
C GLU A 296 -3.68 -4.25 2.54
N PRO A 297 -3.45 -4.96 1.44
CA PRO A 297 -3.86 -6.37 1.38
C PRO A 297 -3.31 -7.14 2.57
N GLY A 298 -4.14 -8.02 3.12
CA GLY A 298 -3.76 -8.84 4.24
C GLY A 298 -3.90 -8.20 5.61
N ASP A 299 -3.98 -6.88 5.71
CA ASP A 299 -4.11 -6.22 7.00
C ASP A 299 -5.59 -6.13 7.40
N GLU A 300 -5.83 -6.23 8.69
CA GLU A 300 -7.18 -6.18 9.25
C GLU A 300 -7.42 -4.83 9.88
N ILE A 301 -8.69 -4.39 9.89
N ILE A 301 -8.64 -4.34 9.70
CA ILE A 301 -8.94 -2.98 10.20
CA ILE A 301 -9.05 -3.06 10.27
C ILE A 301 -8.89 -2.71 11.71
C ILE A 301 -9.38 -3.29 11.74
N GLY A 302 -9.48 -3.56 12.54
N GLY A 302 -9.08 -2.29 12.54
CA GLY A 302 -9.64 -3.26 13.95
CA GLY A 302 -9.39 -2.35 13.93
C GLY A 302 -11.03 -2.73 14.26
C GLY A 302 -10.88 -2.25 14.18
N PRO A 303 -11.23 -2.12 15.46
CA PRO A 303 -12.62 -1.78 15.82
C PRO A 303 -13.12 -0.45 15.26
N VAL A 304 -12.22 0.46 14.88
CA VAL A 304 -12.62 1.77 14.39
C VAL A 304 -11.95 2.02 13.05
N LEU A 305 -12.70 2.61 12.12
CA LEU A 305 -12.15 2.99 10.82
C LEU A 305 -11.78 4.47 10.90
N PRO A 306 -10.50 4.82 10.93
CA PRO A 306 -10.13 6.24 10.95
C PRO A 306 -10.53 6.94 9.66
N ILE A 307 -10.79 8.26 9.75
CA ILE A 307 -10.73 9.07 8.54
C ILE A 307 -9.29 9.26 8.11
N GLY A 308 -8.32 8.99 8.98
CA GLY A 308 -6.98 8.76 8.54
C GLY A 308 -6.01 9.91 8.68
N ARG A 309 -5.06 9.97 7.76
CA ARG A 309 -4.03 10.97 7.77
C ARG A 309 -4.18 11.90 6.58
N PRO A 310 -3.76 13.14 6.73
CA PRO A 310 -3.81 14.08 5.60
C PRO A 310 -3.13 13.53 4.36
N LEU A 311 -3.73 13.81 3.21
CA LEU A 311 -3.06 13.51 1.96
C LEU A 311 -1.71 14.21 1.92
N PRO A 312 -0.75 13.65 1.17
CA PRO A 312 0.49 14.39 0.88
C PRO A 312 0.21 15.82 0.45
N GLY A 313 0.87 16.78 1.11
CA GLY A 313 0.70 18.19 0.82
C GLY A 313 -0.38 18.88 1.61
N ARG A 314 -1.11 18.14 2.43
CA ARG A 314 -2.16 18.69 3.27
C ARG A 314 -1.78 18.54 4.74
N ARG A 315 -2.54 19.26 5.57
CA ARG A 315 -2.39 19.25 7.01
C ARG A 315 -3.78 19.32 7.65
N ALA A 316 -3.88 18.77 8.84
CA ALA A 316 -5.09 18.85 9.65
C ALA A 316 -4.71 19.32 11.04
N GLN A 317 -5.64 20.02 11.67
CA GLN A 317 -5.50 20.47 13.04
C GLN A 317 -6.80 20.19 13.77
N VAL A 318 -6.69 19.78 15.04
CA VAL A 318 -7.83 19.62 15.92
C VAL A 318 -7.61 20.65 17.04
N LEU A 319 -8.49 21.66 17.10
CA LEU A 319 -8.32 22.78 18.01
C LEU A 319 -9.48 22.86 18.97
N ASP A 320 -9.23 23.40 20.17
CA ASP A 320 -10.31 23.56 21.13
C ASP A 320 -10.97 24.93 20.94
N ALA A 321 -11.84 25.31 21.87
CA ALA A 321 -12.59 26.56 21.68
C ALA A 321 -11.73 27.79 21.84
N SER A 322 -10.49 27.66 22.35
CA SER A 322 -9.55 28.76 22.42
C SER A 322 -8.58 28.77 21.23
N LEU A 323 -8.82 27.90 20.24
CA LEU A 323 -7.97 27.74 19.05
C LEU A 323 -6.59 27.18 19.36
N ARG A 324 -6.47 26.44 20.46
CA ARG A 324 -5.24 25.75 20.80
C ARG A 324 -5.33 24.27 20.43
N ALA A 325 -4.22 23.72 19.97
CA ALA A 325 -4.20 22.32 19.58
C ALA A 325 -4.40 21.41 20.80
N VAL A 326 -5.22 20.39 20.62
CA VAL A 326 -5.52 19.46 21.71
C VAL A 326 -4.54 18.29 21.61
N ALA A 327 -4.41 17.54 22.71
CA ALA A 327 -3.60 16.34 22.72
C ALA A 327 -4.38 15.17 22.15
N PRO A 328 -3.70 14.06 21.83
CA PRO A 328 -4.43 12.88 21.31
C PRO A 328 -5.50 12.41 22.29
N GLY A 329 -6.53 11.79 21.74
CA GLY A 329 -7.65 11.30 22.51
C GLY A 329 -8.61 12.36 23.00
N VAL A 330 -8.46 13.60 22.56
CA VAL A 330 -9.32 14.71 22.94
C VAL A 330 -10.08 15.16 21.69
N ILE A 331 -11.41 15.23 21.80
CA ILE A 331 -12.23 15.63 20.66
C ILE A 331 -12.23 17.15 20.57
N GLY A 332 -11.99 17.66 19.36
CA GLY A 332 -12.04 19.07 19.11
C GLY A 332 -12.51 19.36 17.70
N ASP A 333 -12.41 20.63 17.31
CA ASP A 333 -12.86 21.08 16.00
C ASP A 333 -11.80 20.80 14.94
N LEU A 334 -12.22 20.24 13.81
CA LEU A 334 -11.28 19.86 12.76
C LEU A 334 -11.15 20.98 11.73
N TYR A 335 -9.91 21.34 11.43
CA TYR A 335 -9.57 22.33 10.43
C TYR A 335 -8.61 21.72 9.43
N LEU A 336 -8.79 22.04 8.15
CA LEU A 336 -8.01 21.44 7.08
C LEU A 336 -7.19 22.50 6.37
N SER A 337 -5.93 22.20 6.09
CA SER A 337 -5.09 23.21 5.45
C SER A 337 -4.12 22.57 4.48
N GLY A 338 -3.24 23.41 3.94
CA GLY A 338 -2.31 23.00 2.92
C GLY A 338 -2.97 23.06 1.56
N ALA A 339 -2.73 22.04 0.74
CA ALA A 339 -3.20 22.03 -0.63
C ALA A 339 -4.70 21.81 -0.70
N GLY A 340 -5.28 22.26 -1.79
CA GLY A 340 -6.63 21.87 -2.16
C GLY A 340 -7.75 22.79 -1.72
N LEU A 341 -7.48 23.91 -1.05
CA LEU A 341 -8.58 24.76 -0.63
C LEU A 341 -9.25 25.43 -1.82
N ALA A 342 -10.58 25.53 -1.76
CA ALA A 342 -11.30 26.37 -2.71
C ALA A 342 -10.93 27.84 -2.49
N ASP A 343 -11.16 28.67 -3.51
CA ASP A 343 -11.04 30.10 -3.30
C ASP A 343 -12.04 30.59 -2.26
N GLY A 344 -13.26 30.05 -2.30
CA GLY A 344 -14.31 30.41 -1.38
C GLY A 344 -15.66 30.10 -2.00
N TYR A 345 -16.68 30.78 -1.48
CA TYR A 345 -18.06 30.63 -1.93
C TYR A 345 -18.39 31.77 -2.87
N LEU A 346 -18.74 31.46 -4.11
CA LEU A 346 -18.99 32.48 -5.09
C LEU A 346 -20.03 33.47 -4.61
N ARG A 347 -19.75 34.77 -4.76
CA ARG A 347 -20.64 35.88 -4.41
C ARG A 347 -20.91 35.98 -2.90
N ARG A 348 -20.16 35.25 -2.06
CA ARG A 348 -20.44 35.19 -0.63
C ARG A 348 -19.13 35.33 0.16
N ALA A 349 -18.56 36.54 0.13
CA ALA A 349 -17.26 36.76 0.78
C ALA A 349 -17.36 36.67 2.28
N GLY A 350 -18.48 37.13 2.84
CA GLY A 350 -18.65 37.07 4.28
C GLY A 350 -18.65 35.64 4.80
N LEU A 351 -19.44 34.78 4.15
CA LEU A 351 -19.44 33.38 4.50
C LEU A 351 -18.05 32.76 4.30
N THR A 352 -17.36 33.16 3.24
CA THR A 352 -16.02 32.65 3.00
C THR A 352 -15.10 33.00 4.15
N ALA A 353 -15.19 34.25 4.62
CA ALA A 353 -14.28 34.74 5.65
C ALA A 353 -14.52 34.10 7.01
N GLU A 354 -15.70 33.52 7.25
CA GLU A 354 -15.93 32.86 8.53
C GLU A 354 -15.65 31.36 8.49
N ARG A 355 -15.33 30.79 7.33
CA ARG A 355 -15.05 29.36 7.23
C ARG A 355 -13.67 29.07 6.67
N PHE A 356 -13.14 29.93 5.81
CA PHE A 356 -11.78 29.83 5.31
C PHE A 356 -10.98 30.85 6.11
N VAL A 357 -10.43 30.43 7.24
CA VAL A 357 -9.93 31.36 8.24
C VAL A 357 -8.42 31.30 8.31
N ALA A 358 -7.84 32.32 8.95
CA ALA A 358 -6.38 32.38 9.07
C ALA A 358 -5.85 31.16 9.83
N ASP A 359 -4.72 30.63 9.36
CA ASP A 359 -4.11 29.43 9.92
C ASP A 359 -2.98 29.85 10.86
N PRO A 360 -3.12 29.67 12.18
CA PRO A 360 -2.06 30.15 13.09
C PRO A 360 -0.74 29.42 12.93
N SER A 361 -0.70 28.29 12.22
CA SER A 361 0.50 27.48 12.13
C SER A 361 1.24 27.66 10.82
N ALA A 362 0.74 28.48 9.89
CA ALA A 362 1.35 28.63 8.58
C ALA A 362 1.23 30.06 8.06
N PRO A 363 2.33 30.78 7.89
CA PRO A 363 2.24 32.24 7.65
C PRO A 363 1.44 32.60 6.41
N GLY A 364 0.50 33.53 6.60
CA GLY A 364 -0.30 34.06 5.53
C GLY A 364 -1.30 33.10 4.92
N ALA A 365 -1.44 31.91 5.47
CA ALA A 365 -2.24 30.85 4.86
C ALA A 365 -3.59 30.75 5.55
N ARG A 366 -4.51 30.05 4.88
CA ARG A 366 -5.84 29.78 5.40
C ARG A 366 -6.01 28.31 5.77
N MET A 367 -6.98 28.06 6.66
CA MET A 367 -7.45 26.73 6.97
C MET A 367 -8.97 26.72 6.88
N TYR A 368 -9.53 25.58 6.47
CA TYR A 368 -10.97 25.45 6.28
C TYR A 368 -11.58 24.82 7.53
N ARG A 369 -12.53 25.53 8.13
CA ARG A 369 -13.29 25.09 9.30
C ARG A 369 -14.37 24.11 8.87
N THR A 370 -14.16 22.82 9.13
CA THR A 370 -15.02 21.80 8.55
C THR A 370 -16.40 21.77 9.18
N GLY A 371 -16.53 22.24 10.40
CA GLY A 371 -17.75 22.04 11.15
C GLY A 371 -17.90 20.64 11.69
N ASP A 372 -16.89 19.80 11.53
CA ASP A 372 -16.85 18.47 12.10
C ASP A 372 -15.94 18.41 13.32
N LEU A 373 -16.17 17.38 14.13
CA LEU A 373 -15.36 17.08 15.30
C LEU A 373 -14.52 15.84 15.02
N ALA A 374 -13.33 15.80 15.60
CA ALA A 374 -12.41 14.69 15.39
C ALA A 374 -11.46 14.61 16.58
N GLN A 375 -10.76 13.49 16.65
CA GLN A 375 -9.69 13.30 17.64
C GLN A 375 -8.53 12.60 16.99
N TRP A 376 -7.34 12.87 17.49
CA TRP A 376 -6.15 12.19 17.00
C TRP A 376 -5.98 10.86 17.73
N THR A 377 -5.40 9.89 17.03
CA THR A 377 -4.82 8.74 17.72
C THR A 377 -3.40 9.08 18.17
N ALA A 378 -2.82 8.18 18.97
CA ALA A 378 -1.52 8.49 19.57
C ALA A 378 -0.43 8.67 18.53
N ASP A 379 -0.56 8.01 17.37
CA ASP A 379 0.49 8.06 16.35
C ASP A 379 0.06 8.88 15.13
N GLY A 380 -0.98 9.71 15.24
CA GLY A 380 -1.21 10.76 14.26
C GLY A 380 -2.21 10.49 13.15
N ALA A 381 -3.12 9.54 13.32
CA ALA A 381 -4.29 9.42 12.47
C ALA A 381 -5.48 10.09 13.15
N LEU A 382 -6.53 10.33 12.37
CA LEU A 382 -7.72 11.01 12.85
C LEU A 382 -8.93 10.09 12.88
N LEU A 383 -9.73 10.23 13.94
CA LEU A 383 -11.01 9.57 14.07
C LEU A 383 -12.13 10.61 14.03
N PHE A 384 -13.16 10.33 13.25
CA PHE A 384 -14.32 11.21 13.13
C PHE A 384 -15.17 11.15 14.39
N ALA A 385 -15.72 12.29 14.80
CA ALA A 385 -16.58 12.35 15.98
C ALA A 385 -17.91 13.05 15.71
N GLY A 386 -18.34 13.11 14.46
CA GLY A 386 -19.63 13.67 14.12
C GLY A 386 -19.56 15.15 13.77
N ARG A 387 -20.63 15.64 13.14
CA ARG A 387 -20.76 17.05 12.87
C ARG A 387 -20.97 17.80 14.19
N ALA A 388 -20.41 19.01 14.29
CA ALA A 388 -20.64 19.81 15.48
C ALA A 388 -22.12 20.14 15.67
N ASP A 389 -22.89 20.26 14.57
CA ASP A 389 -24.30 20.59 14.65
C ASP A 389 -25.21 19.36 14.75
N ASP A 390 -24.65 18.18 14.99
CA ASP A 390 -25.42 16.95 15.08
C ASP A 390 -25.14 16.21 16.39
N GLN A 391 -24.55 16.88 17.38
CA GLN A 391 -24.22 16.21 18.63
C GLN A 391 -25.45 15.84 19.44
N GLY A 392 -26.62 16.37 19.06
CA GLY A 392 -27.87 15.93 19.66
C GLY A 392 -28.19 14.48 19.36
N SER A 393 -27.53 13.87 18.37
CA SER A 393 -27.77 12.46 18.04
C SER A 393 -26.82 11.50 18.75
N HIS A 394 -25.86 12.00 19.53
CA HIS A 394 -24.84 11.18 20.16
C HIS A 394 -25.18 10.99 21.63
N HIS A 395 -25.42 9.75 22.03
CA HIS A 395 -25.90 9.44 23.37
C HIS A 395 -25.15 8.27 23.99
N SER B 2 0.05 -25.02 3.45
CA SER B 2 0.30 -25.00 2.01
C SER B 2 1.77 -25.31 1.69
N THR B 3 2.09 -25.39 0.40
CA THR B 3 3.47 -25.47 -0.06
C THR B 3 3.61 -24.53 -1.25
N VAL B 4 4.83 -24.04 -1.49
CA VAL B 4 5.05 -23.19 -2.67
C VAL B 4 4.73 -23.96 -3.95
N PRO B 5 5.09 -25.24 -4.09
CA PRO B 5 4.67 -25.94 -5.32
C PRO B 5 3.16 -25.98 -5.54
N GLU B 6 2.38 -26.11 -4.46
CA GLU B 6 0.92 -26.06 -4.60
C GLU B 6 0.46 -24.69 -5.09
N LEU B 7 1.00 -23.62 -4.50
CA LEU B 7 0.63 -22.28 -4.92
C LEU B 7 1.07 -21.99 -6.34
N LEU B 8 2.26 -22.43 -6.70
CA LEU B 8 2.74 -22.28 -8.07
C LEU B 8 1.86 -23.06 -9.05
N ALA B 9 1.47 -24.28 -8.69
CA ALA B 9 0.61 -25.07 -9.58
C ALA B 9 -0.67 -24.31 -9.96
N ARG B 10 -1.25 -23.54 -9.03
CA ARG B 10 -2.43 -22.75 -9.35
C ARG B 10 -2.13 -21.76 -10.47
N GLN B 11 -0.93 -21.18 -10.47
CA GLN B 11 -0.57 -20.23 -11.50
C GLN B 11 -0.24 -20.90 -12.82
N VAL B 12 0.34 -22.10 -12.77
CA VAL B 12 0.61 -22.86 -13.99
C VAL B 12 -0.69 -23.21 -14.69
N THR B 13 -1.70 -23.59 -13.91
CA THR B 13 -3.01 -23.91 -14.48
C THR B 13 -3.70 -22.65 -15.01
N ARG B 14 -3.64 -21.55 -14.27
CA ARG B 14 -4.37 -20.36 -14.66
C ARG B 14 -3.81 -19.75 -15.94
N ALA B 15 -2.49 -19.70 -16.09
CA ALA B 15 -1.85 -18.94 -17.17
C ALA B 15 -0.56 -19.65 -17.54
N PRO B 16 -0.66 -20.82 -18.17
CA PRO B 16 0.56 -21.59 -18.49
C PRO B 16 1.52 -20.87 -19.42
N ASP B 17 1.03 -19.95 -20.27
CA ASP B 17 1.92 -19.30 -21.22
C ASP B 17 2.39 -17.93 -20.75
N ALA B 18 2.06 -17.56 -19.52
CA ALA B 18 2.65 -16.39 -18.89
C ALA B 18 4.15 -16.61 -18.70
N VAL B 19 4.90 -15.51 -18.76
CA VAL B 19 6.35 -15.59 -18.54
C VAL B 19 6.62 -15.78 -17.06
N ALA B 20 7.41 -16.79 -16.74
CA ALA B 20 7.84 -17.08 -15.38
C ALA B 20 9.26 -16.60 -15.08
N VAL B 21 10.23 -16.88 -15.97
CA VAL B 21 11.62 -16.52 -15.71
C VAL B 21 12.20 -15.90 -16.97
N VAL B 22 12.91 -14.79 -16.81
CA VAL B 22 13.65 -14.13 -17.88
C VAL B 22 15.13 -14.18 -17.52
N ASP B 23 15.92 -14.85 -18.35
CA ASP B 23 17.35 -15.03 -18.12
C ASP B 23 18.09 -14.60 -19.39
N ARG B 24 18.52 -13.34 -19.45
CA ARG B 24 19.15 -12.75 -20.64
C ARG B 24 18.16 -12.92 -21.79
N ASP B 25 18.46 -13.69 -22.83
CA ASP B 25 17.52 -13.92 -23.91
C ASP B 25 16.66 -15.16 -23.70
N ARG B 26 16.97 -15.97 -22.68
CA ARG B 26 16.15 -17.15 -22.42
C ARG B 26 14.93 -16.77 -21.60
N VAL B 27 13.75 -17.12 -22.11
CA VAL B 27 12.47 -16.88 -21.44
C VAL B 27 11.83 -18.24 -21.18
N LEU B 28 11.43 -18.49 -19.93
CA LEU B 28 10.67 -19.67 -19.58
C LEU B 28 9.26 -19.25 -19.21
N THR B 29 8.26 -19.87 -19.83
CA THR B 29 6.88 -19.71 -19.39
C THR B 29 6.64 -20.58 -18.16
N TYR B 30 5.49 -20.34 -17.51
CA TYR B 30 5.10 -21.18 -16.37
C TYR B 30 5.01 -22.65 -16.76
N ARG B 31 4.43 -22.94 -17.93
CA ARG B 31 4.38 -24.32 -18.39
C ARG B 31 5.78 -24.89 -18.59
N GLU B 32 6.68 -24.14 -19.23
CA GLU B 32 8.03 -24.63 -19.47
C GLU B 32 8.79 -24.84 -18.17
N LEU B 33 8.66 -23.92 -17.21
CA LEU B 33 9.33 -24.10 -15.92
C LEU B 33 8.87 -25.39 -15.26
N ASP B 34 7.57 -25.63 -15.26
CA ASP B 34 7.04 -26.84 -14.63
C ASP B 34 7.55 -28.09 -15.32
N GLU B 35 7.61 -28.09 -16.65
CA GLU B 35 8.04 -29.27 -17.38
C GLU B 35 9.53 -29.56 -17.15
N LEU B 36 10.36 -28.53 -17.17
CA LEU B 36 11.79 -28.74 -16.95
C LEU B 36 12.06 -29.19 -15.51
N ALA B 37 11.33 -28.64 -14.53
CA ALA B 37 11.49 -29.14 -13.17
C ALA B 37 11.03 -30.58 -13.03
N GLY B 38 9.96 -30.94 -13.74
CA GLY B 38 9.51 -32.33 -13.69
C GLY B 38 10.53 -33.28 -14.27
N ARG B 39 11.22 -32.86 -15.34
CA ARG B 39 12.27 -33.69 -15.94
C ARG B 39 13.41 -33.91 -14.96
N LEU B 40 13.87 -32.86 -14.28
CA LEU B 40 14.95 -33.03 -13.33
C LEU B 40 14.48 -33.77 -12.09
N SER B 41 13.24 -33.54 -11.67
CA SER B 41 12.70 -34.34 -10.58
C SER B 41 12.74 -35.82 -10.92
N GLY B 42 12.41 -36.17 -12.17
CA GLY B 42 12.49 -37.57 -12.58
C GLY B 42 13.89 -38.14 -12.51
N ARG B 43 14.89 -37.31 -12.82
CA ARG B 43 16.28 -37.77 -12.68
C ARG B 43 16.62 -38.00 -11.21
N LEU B 44 16.12 -37.16 -10.29
CA LEU B 44 16.40 -37.38 -8.88
C LEU B 44 15.71 -38.63 -8.37
N ILE B 45 14.42 -38.76 -8.67
CA ILE B 45 13.67 -39.93 -8.22
C ILE B 45 14.29 -41.19 -8.82
N GLY B 46 14.74 -41.10 -10.07
CA GLY B 46 15.35 -42.24 -10.74
C GLY B 46 16.60 -42.75 -10.07
N ARG B 47 17.38 -41.85 -9.48
CA ARG B 47 18.57 -42.25 -8.73
C ARG B 47 18.23 -42.84 -7.37
N GLY B 48 17.01 -42.69 -6.90
CA GLY B 48 16.63 -43.18 -5.60
C GLY B 48 16.40 -42.11 -4.55
N VAL B 49 16.46 -40.83 -4.91
CA VAL B 49 16.17 -39.77 -3.95
C VAL B 49 14.81 -40.00 -3.33
N ARG B 50 14.74 -39.92 -2.01
CA ARG B 50 13.52 -40.21 -1.26
C ARG B 50 13.09 -38.97 -0.48
N ARG B 51 11.81 -38.99 -0.09
CA ARG B 51 11.25 -37.87 0.67
C ARG B 51 12.11 -37.55 1.88
N GLY B 52 12.44 -36.27 2.04
CA GLY B 52 13.24 -35.81 3.16
C GLY B 52 14.73 -35.80 2.90
N ASP B 53 15.18 -36.37 1.80
CA ASP B 53 16.59 -36.24 1.42
C ASP B 53 16.93 -34.77 1.21
N ARG B 54 18.21 -34.46 1.39
N ARG B 54 18.21 -34.44 1.40
CA ARG B 54 18.72 -33.12 1.14
CA ARG B 54 18.74 -33.11 1.16
C ARG B 54 19.60 -33.14 -0.10
C ARG B 54 19.59 -33.15 -0.11
N VAL B 55 19.33 -32.22 -1.02
CA VAL B 55 20.07 -32.11 -2.27
C VAL B 55 20.71 -30.72 -2.29
N ALA B 56 22.04 -30.67 -2.33
CA ALA B 56 22.73 -29.39 -2.37
C ALA B 56 22.69 -28.80 -3.78
N VAL B 57 22.80 -27.49 -3.88
CA VAL B 57 22.71 -26.77 -5.15
C VAL B 57 23.89 -25.81 -5.27
N LEU B 58 24.64 -25.92 -6.38
CA LEU B 58 25.85 -25.14 -6.63
C LEU B 58 25.75 -24.65 -8.06
N LEU B 59 25.09 -23.50 -8.23
CA LEU B 59 24.79 -22.97 -9.55
C LEU B 59 24.95 -21.45 -9.50
N ASP B 60 25.27 -20.87 -10.65
CA ASP B 60 25.14 -19.44 -10.83
C ASP B 60 23.67 -19.11 -11.11
N ARG B 61 23.25 -17.91 -10.71
CA ARG B 61 21.86 -17.55 -10.92
C ARG B 61 21.52 -17.59 -12.39
N SER B 62 20.36 -18.17 -12.70
CA SER B 62 20.01 -18.60 -14.04
C SER B 62 18.62 -19.20 -13.99
N ALA B 63 18.03 -19.38 -15.17
CA ALA B 63 16.77 -20.09 -15.25
C ALA B 63 16.92 -21.51 -14.71
N ASP B 64 18.08 -22.13 -14.97
CA ASP B 64 18.29 -23.50 -14.50
C ASP B 64 18.33 -23.59 -12.97
N LEU B 65 18.74 -22.53 -12.30
N LEU B 65 18.76 -22.53 -12.30
CA LEU B 65 18.67 -22.51 -10.84
CA LEU B 65 18.66 -22.53 -10.83
C LEU B 65 17.22 -22.60 -10.38
C LEU B 65 17.22 -22.63 -10.39
N VAL B 66 16.33 -21.84 -11.00
CA VAL B 66 14.94 -21.88 -10.58
C VAL B 66 14.36 -23.26 -10.85
N VAL B 67 14.64 -23.82 -12.02
CA VAL B 67 14.23 -25.18 -12.35
C VAL B 67 14.70 -26.16 -11.29
N THR B 68 15.96 -26.00 -10.88
CA THR B 68 16.57 -26.96 -9.95
C THR B 68 15.88 -26.94 -8.60
N LEU B 69 15.64 -25.74 -8.06
CA LEU B 69 15.03 -25.66 -6.74
C LEU B 69 13.64 -26.28 -6.77
N LEU B 70 12.86 -25.96 -7.81
CA LEU B 70 11.53 -26.56 -7.93
C LEU B 70 11.60 -28.06 -8.12
N ALA B 71 12.57 -28.52 -8.92
CA ALA B 71 12.71 -29.97 -9.15
C ALA B 71 12.99 -30.71 -7.85
N ILE B 72 13.88 -30.17 -7.01
CA ILE B 72 14.19 -30.82 -5.75
C ILE B 72 12.93 -30.93 -4.91
N TRP B 73 12.15 -29.86 -4.88
CA TRP B 73 10.89 -29.86 -4.16
C TRP B 73 9.90 -30.88 -4.73
N LYS B 74 9.81 -30.97 -6.06
CA LYS B 74 8.92 -31.96 -6.68
C LYS B 74 9.31 -33.38 -6.34
N ALA B 75 10.60 -33.61 -6.09
CA ALA B 75 11.07 -34.94 -5.74
C ALA B 75 10.84 -35.28 -4.28
N GLY B 76 10.24 -34.37 -3.51
CA GLY B 76 9.99 -34.59 -2.09
C GLY B 76 11.17 -34.26 -1.21
N ALA B 77 12.19 -33.63 -1.75
CA ALA B 77 13.43 -33.35 -1.08
C ALA B 77 13.53 -31.88 -0.71
N ALA B 78 14.56 -31.59 0.08
CA ALA B 78 14.88 -30.23 0.54
C ALA B 78 16.15 -29.78 -0.15
N TYR B 79 16.22 -28.52 -0.53
CA TYR B 79 17.44 -28.04 -1.15
C TYR B 79 18.36 -27.39 -0.13
N VAL B 80 19.65 -27.57 -0.33
CA VAL B 80 20.69 -26.98 0.51
C VAL B 80 21.50 -26.03 -0.36
N PRO B 81 21.19 -24.74 -0.35
CA PRO B 81 21.80 -23.83 -1.31
C PRO B 81 23.22 -23.50 -0.88
N VAL B 82 24.14 -23.61 -1.83
CA VAL B 82 25.54 -23.30 -1.60
C VAL B 82 25.98 -22.27 -2.62
N ASP B 83 26.54 -21.16 -2.16
CA ASP B 83 26.97 -20.12 -3.09
C ASP B 83 28.25 -20.56 -3.78
N ALA B 84 28.27 -20.47 -5.11
CA ALA B 84 29.43 -20.97 -5.84
C ALA B 84 30.68 -20.17 -5.50
N GLY B 85 30.53 -19.01 -4.88
CA GLY B 85 31.66 -18.20 -4.46
C GLY B 85 32.22 -18.49 -3.09
N TYR B 86 31.66 -19.46 -2.39
CA TYR B 86 32.22 -19.84 -1.09
C TYR B 86 33.51 -20.63 -1.31
N PRO B 87 34.49 -20.48 -0.41
CA PRO B 87 35.70 -21.31 -0.52
C PRO B 87 35.39 -22.78 -0.30
N ALA B 88 36.27 -23.62 -0.81
CA ALA B 88 36.02 -25.06 -0.79
C ALA B 88 35.80 -25.62 0.61
N PRO B 89 36.55 -25.24 1.65
CA PRO B 89 36.26 -25.82 2.97
C PRO B 89 34.87 -25.45 3.50
N ARG B 90 34.37 -24.25 3.20
CA ARG B 90 33.03 -23.90 3.62
C ARG B 90 31.99 -24.74 2.89
N VAL B 91 32.17 -24.91 1.57
CA VAL B 91 31.27 -25.75 0.79
C VAL B 91 31.26 -27.16 1.38
N ALA B 92 32.44 -27.74 1.59
CA ALA B 92 32.48 -29.11 2.09
C ALA B 92 31.83 -29.21 3.46
N PHE B 93 32.07 -28.24 4.35
CA PHE B 93 31.44 -28.28 5.65
C PHE B 93 29.92 -28.25 5.56
N MET B 94 29.38 -27.36 4.72
CA MET B 94 27.93 -27.26 4.62
C MET B 94 27.31 -28.53 4.08
N VAL B 95 27.93 -29.15 3.07
CA VAL B 95 27.40 -30.39 2.53
C VAL B 95 27.39 -31.48 3.60
N ALA B 96 28.52 -31.65 4.31
CA ALA B 96 28.59 -32.70 5.32
C ALA B 96 27.67 -32.42 6.50
N ASP B 97 27.61 -31.16 6.95
CA ASP B 97 26.76 -30.84 8.10
C ASP B 97 25.29 -31.07 7.77
N SER B 98 24.88 -30.70 6.56
CA SER B 98 23.49 -30.76 6.18
C SER B 98 23.01 -32.16 5.84
N GLY B 99 23.93 -33.09 5.62
CA GLY B 99 23.50 -34.41 5.23
C GLY B 99 23.15 -34.53 3.77
N ALA B 100 23.47 -33.53 2.97
CA ALA B 100 23.17 -33.62 1.54
C ALA B 100 23.91 -34.80 0.94
N SER B 101 23.23 -35.55 0.09
CA SER B 101 23.80 -36.76 -0.48
C SER B 101 24.19 -36.59 -1.94
N ARG B 102 23.74 -35.52 -2.58
CA ARG B 102 23.96 -35.28 -4.00
C ARG B 102 23.98 -33.77 -4.16
N MET B 103 24.64 -33.29 -5.20
CA MET B 103 24.76 -31.85 -5.46
C MET B 103 24.49 -31.56 -6.92
N VAL B 104 23.52 -30.69 -7.20
CA VAL B 104 23.26 -30.27 -8.57
C VAL B 104 24.19 -29.12 -8.90
N CYS B 105 24.85 -29.21 -10.04
CA CYS B 105 25.80 -28.22 -10.49
C CYS B 105 25.67 -28.03 -11.98
N SER B 106 26.54 -27.19 -12.55
CA SER B 106 26.59 -26.94 -13.97
C SER B 106 28.03 -27.12 -14.44
N ALA B 107 28.21 -27.09 -15.77
CA ALA B 107 29.57 -27.19 -16.30
C ALA B 107 30.46 -26.13 -15.68
N ALA B 108 29.91 -24.93 -15.45
CA ALA B 108 30.68 -23.82 -14.92
C ALA B 108 31.06 -24.02 -13.46
N THR B 109 30.23 -24.71 -12.67
CA THR B 109 30.51 -24.87 -11.24
C THR B 109 30.99 -26.27 -10.86
N ARG B 110 31.12 -27.18 -11.84
CA ARG B 110 31.40 -28.59 -11.55
C ARG B 110 32.60 -28.78 -10.63
N ASP B 111 33.65 -27.99 -10.80
CA ASP B 111 34.86 -28.24 -10.02
C ASP B 111 34.70 -27.86 -8.56
N GLY B 112 33.58 -27.22 -8.20
CA GLY B 112 33.30 -26.89 -6.82
C GLY B 112 32.59 -27.97 -6.02
N VAL B 113 32.20 -29.06 -6.67
CA VAL B 113 31.53 -30.15 -5.96
C VAL B 113 32.57 -30.93 -5.17
N PRO B 114 32.40 -31.13 -3.86
CA PRO B 114 33.43 -31.84 -3.08
C PRO B 114 33.68 -33.25 -3.61
N GLU B 115 34.95 -33.67 -3.60
CA GLU B 115 35.24 -35.07 -3.92
C GLU B 115 34.49 -35.97 -2.94
N GLY B 116 33.86 -37.01 -3.48
CA GLY B 116 33.08 -37.93 -2.68
C GLY B 116 31.61 -37.63 -2.63
N ILE B 117 31.18 -36.51 -3.20
CA ILE B 117 29.79 -36.12 -3.26
C ILE B 117 29.35 -36.18 -4.71
N GLU B 118 28.21 -36.82 -4.97
CA GLU B 118 27.73 -36.95 -6.35
C GLU B 118 27.51 -35.57 -6.98
N ALA B 119 28.07 -35.37 -8.17
CA ALA B 119 27.76 -34.22 -8.99
C ALA B 119 26.69 -34.59 -10.01
N ILE B 120 25.61 -33.81 -10.03
CA ILE B 120 24.52 -33.96 -10.98
C ILE B 120 24.55 -32.73 -11.87
N VAL B 121 24.96 -32.87 -13.12
CA VAL B 121 25.05 -31.72 -14.02
C VAL B 121 23.66 -31.43 -14.59
N VAL B 122 23.17 -30.21 -14.35
CA VAL B 122 21.75 -29.91 -14.57
C VAL B 122 21.40 -30.04 -16.05
N THR B 123 22.36 -29.81 -16.94
CA THR B 123 22.09 -29.84 -18.37
C THR B 123 22.23 -31.23 -18.99
N ASP B 124 22.66 -32.24 -18.23
CA ASP B 124 22.80 -33.58 -18.78
C ASP B 124 21.43 -34.19 -19.04
N GLU B 125 21.34 -34.96 -20.12
CA GLU B 125 20.17 -35.75 -20.44
C GLU B 125 20.32 -37.15 -19.85
N GLU B 126 19.21 -37.70 -19.35
CA GLU B 126 19.22 -39.07 -18.84
C GLU B 126 17.94 -39.76 -19.27
N ALA B 127 17.94 -41.10 -19.14
CA ALA B 127 16.82 -41.89 -19.66
C ALA B 127 15.63 -41.94 -18.70
N PHE B 128 15.77 -41.42 -17.48
CA PHE B 128 14.67 -41.41 -16.54
C PHE B 128 13.49 -40.60 -17.09
N GLU B 129 12.27 -41.01 -16.72
CA GLU B 129 11.06 -40.30 -17.13
C GLU B 129 10.69 -39.25 -16.08
N ALA B 130 9.99 -38.22 -16.52
CA ALA B 130 9.57 -37.15 -15.62
C ALA B 130 8.55 -37.66 -14.63
N SER B 131 8.70 -37.26 -13.37
CA SER B 131 7.78 -37.66 -12.32
C SER B 131 7.97 -36.71 -11.15
N ALA B 132 6.95 -36.64 -10.30
CA ALA B 132 7.03 -35.86 -9.07
C ALA B 132 6.44 -36.66 -7.93
N ALA B 133 7.11 -36.59 -6.78
CA ALA B 133 6.59 -37.18 -5.55
C ALA B 133 5.68 -36.21 -4.82
N GLY B 134 5.92 -34.91 -5.00
CA GLY B 134 5.04 -33.90 -4.43
C GLY B 134 5.55 -33.36 -3.11
N ALA B 135 5.45 -32.03 -2.92
CA ALA B 135 5.84 -31.43 -1.64
C ALA B 135 4.67 -31.51 -0.65
N ARG B 136 5.01 -31.52 0.63
CA ARG B 136 4.05 -31.61 1.73
C ARG B 136 4.37 -30.59 2.81
N PRO B 137 3.36 -29.99 3.44
CA PRO B 137 3.63 -28.79 4.26
C PRO B 137 4.58 -29.01 5.42
N GLY B 138 4.54 -30.19 6.06
CA GLY B 138 5.43 -30.47 7.17
C GLY B 138 6.81 -30.93 6.79
N ASP B 139 7.01 -31.30 5.53
CA ASP B 139 8.32 -31.72 5.05
C ASP B 139 9.28 -30.55 4.98
N LEU B 140 10.57 -30.86 5.14
CA LEU B 140 11.62 -29.86 4.99
C LEU B 140 11.65 -29.32 3.56
N ALA B 141 11.70 -27.99 3.43
CA ALA B 141 11.86 -27.34 2.15
C ALA B 141 13.31 -26.97 1.85
N TYR B 142 14.06 -26.48 2.83
CA TYR B 142 15.46 -26.14 2.58
C TYR B 142 16.17 -26.10 3.94
N VAL B 143 17.50 -26.12 3.86
CA VAL B 143 18.39 -25.86 4.99
C VAL B 143 19.25 -24.67 4.58
N MET B 144 19.09 -23.54 5.26
CA MET B 144 19.91 -22.36 5.00
C MET B 144 20.83 -22.12 6.19
N TYR B 145 22.06 -21.70 5.91
CA TYR B 145 23.07 -21.56 6.93
C TYR B 145 23.18 -20.12 7.38
N THR B 146 23.35 -19.93 8.68
CA THR B 146 23.67 -18.62 9.23
C THR B 146 25.00 -18.11 8.68
N SER B 147 25.28 -16.84 8.91
CA SER B 147 26.36 -16.16 8.20
C SER B 147 27.73 -16.70 8.61
N GLY B 148 27.90 -17.09 9.88
CA GLY B 148 29.18 -17.57 10.33
C GLY B 148 30.17 -16.49 10.72
N SER B 149 29.70 -15.26 10.94
CA SER B 149 30.57 -14.16 11.31
C SER B 149 30.83 -14.08 12.81
N THR B 150 30.07 -14.81 13.63
CA THR B 150 30.31 -14.88 15.07
C THR B 150 30.54 -16.30 15.55
N GLY B 151 30.83 -17.21 14.64
CA GLY B 151 30.97 -18.61 14.96
C GLY B 151 30.67 -19.46 13.75
N ILE B 152 30.68 -20.77 13.97
CA ILE B 152 30.48 -21.70 12.85
C ILE B 152 29.08 -21.53 12.30
N PRO B 153 28.88 -21.62 10.98
CA PRO B 153 27.51 -21.54 10.44
C PRO B 153 26.65 -22.68 10.95
N LYS B 154 25.41 -22.36 11.31
CA LYS B 154 24.42 -23.34 11.74
C LYS B 154 23.38 -23.53 10.64
N GLY B 155 22.93 -24.76 10.46
CA GLY B 155 21.91 -25.02 9.46
C GLY B 155 20.49 -24.88 9.99
N VAL B 156 19.74 -23.97 9.37
CA VAL B 156 18.36 -23.70 9.77
C VAL B 156 17.44 -24.49 8.86
N ALA B 157 16.69 -25.41 9.44
CA ALA B 157 15.80 -26.32 8.71
C ALA B 157 14.41 -25.73 8.67
N VAL B 158 13.91 -25.42 7.48
CA VAL B 158 12.64 -24.70 7.33
C VAL B 158 11.65 -25.59 6.58
N PRO B 159 10.46 -25.80 7.13
CA PRO B 159 9.46 -26.64 6.44
C PRO B 159 8.73 -25.88 5.35
N HIS B 160 8.14 -26.67 4.44
CA HIS B 160 7.38 -26.10 3.34
C HIS B 160 6.30 -25.13 3.82
N ARG B 161 5.59 -25.47 4.90
N ARG B 161 5.60 -25.48 4.90
CA ARG B 161 4.51 -24.61 5.38
CA ARG B 161 4.52 -24.63 5.39
C ARG B 161 5.00 -23.20 5.64
C ARG B 161 5.00 -23.21 5.66
N SER B 162 6.19 -23.07 6.24
CA SER B 162 6.70 -21.74 6.56
C SER B 162 7.09 -20.99 5.30
N VAL B 163 7.65 -21.68 4.31
CA VAL B 163 8.04 -20.98 3.08
C VAL B 163 6.79 -20.47 2.37
N ALA B 164 5.72 -21.25 2.42
CA ALA B 164 4.48 -20.90 1.71
C ALA B 164 3.74 -19.78 2.44
N GLU B 165 3.79 -19.77 3.77
CA GLU B 165 3.21 -18.66 4.54
C GLU B 165 3.90 -17.35 4.18
N LEU B 166 5.22 -17.39 4.00
CA LEU B 166 5.94 -16.20 3.57
C LEU B 166 5.62 -15.86 2.12
N ALA B 167 5.83 -16.81 1.21
CA ALA B 167 5.77 -16.46 -0.22
C ALA B 167 4.37 -16.06 -0.66
N GLY B 168 3.36 -16.74 -0.11
CA GLY B 168 1.98 -16.53 -0.45
C GLY B 168 1.27 -15.45 0.36
N ASN B 169 1.99 -14.73 1.19
CA ASN B 169 1.38 -13.72 2.04
C ASN B 169 0.72 -12.64 1.18
N PRO B 170 -0.56 -12.33 1.40
CA PRO B 170 -1.21 -11.31 0.57
C PRO B 170 -0.57 -9.94 0.67
N GLY B 171 0.14 -9.66 1.77
CA GLY B 171 0.75 -8.38 1.97
C GLY B 171 1.80 -7.98 0.95
N TRP B 172 2.40 -8.94 0.25
CA TRP B 172 3.44 -8.57 -0.71
C TRP B 172 2.89 -7.74 -1.86
N ALA B 173 1.62 -7.92 -2.20
CA ALA B 173 0.97 -7.12 -3.24
C ALA B 173 1.64 -7.28 -4.60
N VAL B 174 2.23 -8.45 -4.87
CA VAL B 174 2.82 -8.72 -6.17
C VAL B 174 1.76 -9.35 -7.05
N GLU B 175 1.67 -8.87 -8.28
CA GLU B 175 0.62 -9.24 -9.24
C GLU B 175 1.22 -9.84 -10.50
N PRO B 176 0.39 -10.45 -11.36
CA PRO B 176 0.95 -11.07 -12.57
C PRO B 176 1.75 -10.11 -13.44
N GLY B 177 1.42 -8.82 -13.43
CA GLY B 177 2.18 -7.84 -14.20
C GLY B 177 3.51 -7.43 -13.61
N ASP B 178 3.86 -7.92 -12.44
CA ASP B 178 5.12 -7.56 -11.79
C ASP B 178 6.28 -8.37 -12.33
N ALA B 179 7.46 -7.74 -12.33
CA ALA B 179 8.72 -8.37 -12.69
C ALA B 179 9.69 -8.02 -11.59
N VAL B 180 10.20 -9.03 -10.89
CA VAL B 180 11.05 -8.86 -9.72
C VAL B 180 12.49 -9.18 -10.12
N LEU B 181 13.42 -8.29 -9.74
CA LEU B 181 14.83 -8.53 -10.03
C LEU B 181 15.38 -9.58 -9.08
N MET B 182 16.10 -10.56 -9.63
CA MET B 182 16.68 -11.64 -8.84
C MET B 182 18.20 -11.47 -8.88
N HIS B 183 18.80 -11.21 -7.72
CA HIS B 183 20.24 -11.06 -7.64
C HIS B 183 20.80 -11.47 -6.28
N ALA B 184 19.97 -11.57 -5.25
CA ALA B 184 20.43 -12.07 -3.98
C ALA B 184 20.94 -13.51 -4.11
N PRO B 185 21.94 -13.91 -3.33
CA PRO B 185 22.33 -15.33 -3.30
C PRO B 185 21.12 -16.19 -2.92
N TYR B 186 20.90 -17.28 -3.66
CA TYR B 186 19.83 -18.21 -3.30
C TYR B 186 20.20 -18.95 -2.00
N ALA B 187 21.42 -18.76 -1.48
CA ALA B 187 21.76 -19.26 -0.15
C ALA B 187 21.23 -18.37 0.97
N PHE B 188 20.67 -17.20 0.63
CA PHE B 188 20.12 -16.23 1.57
C PHE B 188 18.61 -16.15 1.41
N ASP B 189 17.88 -15.85 2.49
CA ASP B 189 16.45 -15.99 2.29
C ASP B 189 15.80 -14.74 1.69
N ALA B 190 16.55 -13.68 1.37
CA ALA B 190 15.99 -12.66 0.47
C ALA B 190 15.57 -13.28 -0.86
N SER B 191 16.19 -14.39 -1.26
CA SER B 191 15.80 -15.05 -2.50
C SER B 191 14.38 -15.59 -2.46
N LEU B 192 13.79 -15.74 -1.26
CA LEU B 192 12.41 -16.20 -1.21
C LEU B 192 11.48 -15.15 -1.78
N PHE B 193 11.79 -13.88 -1.55
CA PHE B 193 11.03 -12.82 -2.17
C PHE B 193 11.34 -12.69 -3.65
N GLU B 194 12.62 -12.79 -4.04
CA GLU B 194 12.98 -12.58 -5.44
C GLU B 194 12.58 -13.73 -6.35
N ILE B 195 12.40 -14.94 -5.83
CA ILE B 195 12.04 -16.09 -6.63
C ILE B 195 10.60 -16.51 -6.38
N TRP B 196 10.26 -16.85 -5.14
CA TRP B 196 9.01 -17.55 -4.90
C TRP B 196 7.82 -16.61 -4.85
N VAL B 197 7.96 -15.40 -4.30
CA VAL B 197 6.82 -14.49 -4.23
C VAL B 197 6.27 -14.18 -5.62
N PRO B 198 7.08 -13.82 -6.62
CA PRO B 198 6.47 -13.56 -7.94
C PRO B 198 5.88 -14.81 -8.57
N LEU B 199 6.48 -15.98 -8.36
CA LEU B 199 6.00 -17.19 -9.03
C LEU B 199 4.68 -17.67 -8.45
N VAL B 200 4.46 -17.48 -7.14
CA VAL B 200 3.15 -17.87 -6.59
C VAL B 200 2.11 -16.80 -6.89
N SER B 201 2.54 -15.65 -7.41
CA SER B 201 1.67 -14.53 -7.75
C SER B 201 1.36 -14.43 -9.25
N GLY B 202 2.02 -15.21 -10.10
CA GLY B 202 1.81 -15.08 -11.52
C GLY B 202 2.71 -14.08 -12.21
N GLY B 203 3.64 -13.46 -11.47
CA GLY B 203 4.60 -12.54 -12.05
C GLY B 203 5.80 -13.26 -12.62
N ARG B 204 6.83 -12.48 -12.94
N ARG B 204 6.83 -12.47 -12.93
CA ARG B 204 8.05 -13.04 -13.53
CA ARG B 204 8.05 -13.02 -13.52
C ARG B 204 9.27 -12.65 -12.72
C ARG B 204 9.26 -12.66 -12.68
N VAL B 205 10.26 -13.55 -12.77
CA VAL B 205 11.55 -13.41 -12.12
C VAL B 205 12.54 -12.98 -13.19
N VAL B 206 13.22 -11.86 -12.97
CA VAL B 206 14.20 -11.37 -13.93
C VAL B 206 15.59 -11.58 -13.36
N ILE B 207 16.33 -12.53 -13.93
CA ILE B 207 17.68 -12.85 -13.47
C ILE B 207 18.62 -11.71 -13.82
N ALA B 208 19.26 -11.12 -12.81
CA ALA B 208 20.20 -10.03 -13.07
C ALA B 208 21.47 -10.54 -13.75
N GLU B 209 22.03 -9.72 -14.64
CA GLU B 209 23.28 -10.05 -15.29
C GLU B 209 24.36 -10.32 -14.25
N PRO B 210 25.40 -11.07 -14.58
CA PRO B 210 26.40 -11.41 -13.56
C PRO B 210 27.06 -10.16 -12.99
N GLY B 211 27.45 -10.26 -11.72
CA GLY B 211 28.11 -9.17 -11.03
C GLY B 211 27.16 -8.44 -10.12
N PRO B 212 27.67 -7.54 -9.27
CA PRO B 212 26.81 -6.86 -8.32
C PRO B 212 25.84 -5.92 -9.02
N VAL B 213 24.65 -5.77 -8.45
CA VAL B 213 23.68 -4.81 -8.95
C VAL B 213 24.01 -3.45 -8.34
N ASP B 214 24.52 -2.54 -9.16
CA ASP B 214 24.80 -1.17 -8.74
C ASP B 214 23.69 -0.27 -9.30
N ALA B 215 23.82 1.04 -9.07
CA ALA B 215 22.72 1.93 -9.46
C ALA B 215 22.50 1.90 -10.97
N ARG B 216 23.58 1.84 -11.75
CA ARG B 216 23.45 1.81 -13.21
CA ARG B 216 23.43 1.82 -13.20
C ARG B 216 22.70 0.57 -13.67
N ARG B 217 23.04 -0.59 -13.08
CA ARG B 217 22.35 -1.81 -13.47
C ARG B 217 20.90 -1.81 -13.00
N LEU B 218 20.63 -1.22 -11.83
CA LEU B 218 19.24 -1.09 -11.38
C LEU B 218 18.44 -0.23 -12.37
N ARG B 219 19.00 0.90 -12.79
CA ARG B 219 18.30 1.73 -13.77
C ARG B 219 18.03 0.96 -15.05
N GLU B 220 19.01 0.21 -15.54
CA GLU B 220 18.82 -0.59 -16.75
C GLU B 220 17.73 -1.65 -16.54
N ALA B 221 17.72 -2.29 -15.38
CA ALA B 221 16.71 -3.30 -15.10
C ALA B 221 15.31 -2.67 -15.13
N ILE B 222 15.16 -1.50 -14.51
CA ILE B 222 13.85 -0.85 -14.47
C ILE B 222 13.44 -0.45 -15.87
N SER B 223 14.38 0.04 -16.67
CA SER B 223 14.06 0.40 -18.04
C SER B 223 13.57 -0.79 -18.84
N SER B 224 14.03 -1.99 -18.48
CA SER B 224 13.67 -3.22 -19.18
C SER B 224 12.39 -3.84 -18.66
N GLY B 225 11.79 -3.28 -17.61
CA GLY B 225 10.50 -3.73 -17.14
C GLY B 225 10.44 -4.17 -15.69
N VAL B 226 11.55 -4.17 -14.95
CA VAL B 226 11.49 -4.56 -13.54
C VAL B 226 10.66 -3.55 -12.77
N THR B 227 9.75 -4.06 -11.94
CA THR B 227 8.83 -3.27 -11.13
C THR B 227 9.10 -3.32 -9.65
N ARG B 228 9.81 -4.35 -9.17
CA ARG B 228 10.10 -4.48 -7.76
C ARG B 228 11.53 -4.99 -7.59
N ALA B 229 12.22 -4.44 -6.60
CA ALA B 229 13.57 -4.88 -6.31
C ALA B 229 13.85 -4.76 -4.83
N HIS B 230 14.57 -5.75 -4.31
CA HIS B 230 15.08 -5.75 -2.94
C HIS B 230 16.58 -5.48 -2.98
N LEU B 231 17.04 -4.64 -2.09
CA LEU B 231 18.46 -4.38 -1.92
C LEU B 231 18.85 -4.64 -0.47
N THR B 232 20.04 -5.20 -0.26
CA THR B 232 20.57 -5.27 1.08
C THR B 232 20.63 -3.88 1.69
N ALA B 233 20.62 -3.82 3.02
CA ALA B 233 20.68 -2.52 3.70
C ALA B 233 21.88 -1.71 3.23
N GLY B 234 23.04 -2.34 3.08
CA GLY B 234 24.22 -1.61 2.66
C GLY B 234 24.12 -1.06 1.24
N SER B 235 23.61 -1.88 0.31
CA SER B 235 23.42 -1.41 -1.05
C SER B 235 22.34 -0.34 -1.11
N PHE B 236 21.26 -0.51 -0.35
CA PHE B 236 20.20 0.50 -0.35
C PHE B 236 20.73 1.84 0.15
N ARG B 237 21.48 1.82 1.25
CA ARG B 237 22.04 3.05 1.81
C ARG B 237 22.98 3.72 0.82
N ALA B 238 23.81 2.93 0.13
CA ALA B 238 24.74 3.51 -0.84
C ALA B 238 24.02 4.19 -1.98
N VAL B 239 23.05 3.49 -2.59
CA VAL B 239 22.33 4.09 -3.70
C VAL B 239 21.50 5.28 -3.20
N ALA B 240 20.88 5.15 -2.02
CA ALA B 240 20.06 6.25 -1.52
C ALA B 240 20.90 7.51 -1.34
N GLU B 241 22.16 7.37 -0.94
CA GLU B 241 22.97 8.56 -0.72
C GLU B 241 23.60 9.05 -2.01
N GLU B 242 23.93 8.16 -2.92
CA GLU B 242 24.67 8.53 -4.14
C GLU B 242 23.78 8.83 -5.32
N SER B 243 22.64 8.15 -5.46
CA SER B 243 21.88 8.19 -6.69
C SER B 243 20.43 7.79 -6.39
N PRO B 244 19.77 8.48 -5.46
CA PRO B 244 18.41 8.07 -5.08
C PRO B 244 17.45 8.10 -6.24
N GLU B 245 17.70 8.93 -7.25
CA GLU B 245 16.86 8.96 -8.44
C GLU B 245 16.90 7.63 -9.20
N SER B 246 17.88 6.77 -8.95
CA SER B 246 17.96 5.51 -9.67
C SER B 246 16.81 4.55 -9.34
N PHE B 247 16.07 4.78 -8.25
CA PHE B 247 14.91 3.96 -7.96
C PHE B 247 13.67 4.35 -8.76
N ALA B 248 13.73 5.47 -9.49
CA ALA B 248 12.55 5.98 -10.17
C ALA B 248 12.00 4.97 -11.17
N GLY B 249 10.69 4.76 -11.14
CA GLY B 249 10.02 3.82 -12.00
C GLY B 249 9.66 2.52 -11.33
N LEU B 250 10.28 2.18 -10.22
CA LEU B 250 9.85 0.99 -9.51
C LEU B 250 8.49 1.22 -8.89
N ARG B 251 7.68 0.16 -8.85
CA ARG B 251 6.49 0.20 -8.00
C ARG B 251 6.86 0.14 -6.53
N GLU B 252 7.86 -0.68 -6.19
CA GLU B 252 8.25 -0.86 -4.80
C GLU B 252 9.73 -1.21 -4.74
N VAL B 253 10.44 -0.57 -3.81
CA VAL B 253 11.79 -0.99 -3.42
C VAL B 253 11.72 -1.50 -1.98
N LEU B 254 12.45 -2.59 -1.73
CA LEU B 254 12.45 -3.27 -0.45
C LEU B 254 13.88 -3.34 0.06
N THR B 255 14.04 -3.26 1.37
CA THR B 255 15.38 -3.37 1.95
C THR B 255 15.29 -3.88 3.38
N GLY B 256 16.39 -4.50 3.81
CA GLY B 256 16.43 -4.99 5.17
C GLY B 256 17.72 -5.74 5.40
N GLY B 257 17.80 -6.38 6.56
CA GLY B 257 19.02 -7.04 7.00
C GLY B 257 19.65 -6.22 8.11
N ASP B 258 20.61 -5.40 7.74
CA ASP B 258 21.29 -4.52 8.68
C ASP B 258 20.43 -3.29 8.94
N VAL B 259 20.94 -2.39 9.78
CA VAL B 259 20.19 -1.17 10.10
C VAL B 259 20.08 -0.29 8.87
N VAL B 260 18.88 0.24 8.64
CA VAL B 260 18.65 1.23 7.61
C VAL B 260 18.25 2.52 8.31
N PRO B 261 19.01 3.60 8.16
CA PRO B 261 18.62 4.86 8.79
C PRO B 261 17.47 5.51 8.05
N ALA B 262 16.62 6.18 8.81
CA ALA B 262 15.52 6.93 8.22
C ALA B 262 16.00 7.89 7.14
N HIS B 263 17.20 8.46 7.30
CA HIS B 263 17.69 9.43 6.33
C HIS B 263 17.78 8.84 4.93
N ALA B 264 18.15 7.57 4.82
CA ALA B 264 18.24 6.96 3.49
C ALA B 264 16.87 6.84 2.86
N VAL B 265 15.87 6.41 3.63
CA VAL B 265 14.50 6.33 3.12
C VAL B 265 14.02 7.71 2.69
N ALA B 266 14.34 8.73 3.49
CA ALA B 266 13.91 10.09 3.19
C ALA B 266 14.50 10.57 1.87
N ARG B 267 15.77 10.24 1.61
CA ARG B 267 16.39 10.61 0.35
C ARG B 267 15.68 9.97 -0.83
N VAL B 268 15.32 8.69 -0.70
CA VAL B 268 14.65 8.02 -1.82
C VAL B 268 13.26 8.61 -2.02
N ARG B 269 12.54 8.90 -0.93
CA ARG B 269 11.20 9.47 -1.06
C ARG B 269 11.28 10.85 -1.71
N SER B 270 12.29 11.64 -1.34
CA SER B 270 12.44 12.98 -1.93
CA SER B 270 12.41 12.97 -1.92
C SER B 270 12.63 12.90 -3.43
N ALA B 271 13.45 11.95 -3.88
CA ALA B 271 13.79 11.85 -5.30
C ALA B 271 12.73 11.09 -6.07
N CYS B 272 11.97 10.22 -5.41
CA CYS B 272 11.05 9.30 -6.06
C CYS B 272 9.73 9.31 -5.30
N PRO B 273 8.90 10.33 -5.51
CA PRO B 273 7.67 10.43 -4.72
C PRO B 273 6.71 9.27 -4.91
N ARG B 274 6.74 8.56 -6.04
CA ARG B 274 5.71 7.57 -6.29
C ARG B 274 6.11 6.13 -5.92
N VAL B 275 7.35 5.90 -5.50
N VAL B 275 7.36 5.90 -5.54
CA VAL B 275 7.83 4.53 -5.28
CA VAL B 275 7.83 4.55 -5.25
C VAL B 275 7.55 4.10 -3.84
C VAL B 275 7.42 4.17 -3.83
N ARG B 276 6.85 2.97 -3.69
CA ARG B 276 6.62 2.41 -2.36
C ARG B 276 7.98 2.00 -1.79
N ILE B 277 8.19 2.21 -0.48
CA ILE B 277 9.44 1.81 0.17
C ILE B 277 9.09 0.90 1.35
N ARG B 278 9.58 -0.34 1.31
CA ARG B 278 9.28 -1.33 2.31
C ARG B 278 10.55 -1.73 3.06
N HIS B 279 10.51 -1.63 4.38
CA HIS B 279 11.59 -2.07 5.26
C HIS B 279 11.21 -3.41 5.84
N LEU B 280 12.10 -4.40 5.73
CA LEU B 280 11.84 -5.76 6.21
C LEU B 280 12.73 -6.06 7.40
N TYR B 281 12.19 -6.79 8.37
CA TYR B 281 12.97 -7.23 9.53
C TYR B 281 12.67 -8.68 9.85
N GLY B 282 13.73 -9.46 10.12
CA GLY B 282 13.57 -10.76 10.71
C GLY B 282 14.74 -11.68 10.42
N PRO B 283 14.87 -12.71 11.24
CA PRO B 283 15.99 -13.66 11.09
C PRO B 283 15.67 -14.82 10.16
N THR B 284 16.75 -15.53 9.79
CA THR B 284 16.61 -16.73 8.98
C THR B 284 15.71 -17.75 9.65
N GLU B 285 15.76 -17.80 10.98
CA GLU B 285 14.99 -18.72 11.79
C GLU B 285 13.49 -18.52 11.69
N THR B 286 13.04 -17.38 11.17
CA THR B 286 11.60 -17.20 10.96
C THR B 286 11.27 -16.78 9.52
N THR B 287 12.06 -17.27 8.56
CA THR B 287 11.77 -17.22 7.13
C THR B 287 11.62 -15.80 6.57
N LEU B 288 12.78 -15.22 6.25
CA LEU B 288 12.99 -13.93 5.59
C LEU B 288 12.60 -12.76 6.48
N CYS B 289 11.32 -12.57 6.75
CA CYS B 289 10.94 -11.44 7.57
C CYS B 289 9.70 -11.74 8.38
N ALA B 290 9.65 -11.15 9.57
CA ALA B 290 8.54 -11.30 10.50
C ALA B 290 7.78 -10.00 10.69
N THR B 291 8.43 -8.87 10.48
CA THR B 291 7.78 -7.56 10.56
C THR B 291 8.20 -6.72 9.36
N TRP B 292 7.37 -5.72 9.04
CA TRP B 292 7.73 -4.84 7.95
C TRP B 292 7.08 -3.47 8.16
N HIS B 293 7.69 -2.47 7.54
CA HIS B 293 7.19 -1.10 7.56
C HIS B 293 7.11 -0.59 6.13
N LEU B 294 5.93 -0.09 5.74
CA LEU B 294 5.68 0.35 4.39
C LEU B 294 5.46 1.86 4.38
N LEU B 295 6.22 2.55 3.54
CA LEU B 295 6.05 4.00 3.32
C LEU B 295 5.33 4.15 1.99
N GLU B 296 4.08 4.62 2.04
CA GLU B 296 3.28 4.73 0.83
C GLU B 296 3.78 5.90 -0.02
N PRO B 297 3.46 5.88 -1.31
CA PRO B 297 3.85 6.99 -2.20
C PRO B 297 3.37 8.33 -1.65
N GLY B 298 4.26 9.31 -1.66
CA GLY B 298 3.97 10.67 -1.21
C GLY B 298 4.13 10.89 0.27
N ASP B 299 4.16 9.83 1.07
CA ASP B 299 4.30 9.96 2.51
C ASP B 299 5.77 10.07 2.90
N GLU B 300 6.04 10.80 3.97
CA GLU B 300 7.40 11.02 4.46
C GLU B 300 7.64 10.21 5.72
N ILE B 301 8.87 9.70 5.86
CA ILE B 301 9.25 8.92 7.02
C ILE B 301 9.57 9.87 8.17
N GLY B 302 9.33 9.42 9.38
CA GLY B 302 9.67 10.21 10.55
C GLY B 302 11.17 10.28 10.77
N PRO B 303 11.56 10.77 11.96
CA PRO B 303 12.98 10.72 12.33
C PRO B 303 13.48 9.31 12.58
N VAL B 304 12.60 8.34 12.81
CA VAL B 304 13.00 6.96 13.01
C VAL B 304 12.26 6.06 12.03
N LEU B 305 12.98 5.08 11.49
CA LEU B 305 12.38 4.07 10.63
C LEU B 305 12.02 2.86 11.48
N PRO B 306 10.74 2.56 11.69
CA PRO B 306 10.38 1.37 12.46
C PRO B 306 10.79 0.08 11.75
N ILE B 307 10.98 -0.98 12.54
CA ILE B 307 10.97 -2.31 11.92
C ILE B 307 9.54 -2.75 11.65
N GLY B 308 8.56 -2.04 12.22
CA GLY B 308 7.22 -2.12 11.73
C GLY B 308 6.28 -3.04 12.48
N ARG B 309 5.35 -3.63 11.74
CA ARG B 309 4.28 -4.42 12.28
C ARG B 309 4.41 -5.84 11.78
N PRO B 310 3.96 -6.83 12.54
CA PRO B 310 4.07 -8.21 12.08
C PRO B 310 3.37 -8.40 10.74
N LEU B 311 3.99 -9.21 9.88
CA LEU B 311 3.30 -9.62 8.67
C LEU B 311 1.98 -10.28 9.04
N PRO B 312 0.99 -10.22 8.16
CA PRO B 312 -0.23 -11.02 8.34
C PRO B 312 0.12 -12.45 8.71
N GLY B 313 -0.50 -12.95 9.78
CA GLY B 313 -0.26 -14.32 10.22
C GLY B 313 0.84 -14.45 11.26
N ARG B 314 1.57 -13.39 11.53
CA ARG B 314 2.62 -13.39 12.52
C ARG B 314 2.25 -12.53 13.72
N ARG B 315 2.96 -12.79 14.81
CA ARG B 315 2.83 -12.03 16.03
C ARG B 315 4.22 -11.70 16.55
N ALA B 316 4.30 -10.59 17.27
CA ALA B 316 5.51 -10.20 17.98
C ALA B 316 5.15 -9.87 19.42
N GLN B 317 6.07 -10.18 20.32
CA GLN B 317 5.94 -9.87 21.73
C GLN B 317 7.20 -9.19 22.21
N VAL B 318 7.04 -8.18 23.06
CA VAL B 318 8.14 -7.51 23.74
C VAL B 318 7.96 -7.79 25.22
N LEU B 319 8.85 -8.60 25.79
CA LEU B 319 8.69 -9.08 27.15
C LEU B 319 9.86 -8.62 28.01
N ASP B 320 9.57 -8.42 29.30
CA ASP B 320 10.62 -8.07 30.24
C ASP B 320 11.31 -9.35 30.76
N ALA B 321 12.20 -9.19 31.72
CA ALA B 321 13.03 -10.32 32.15
C ALA B 321 12.26 -11.36 32.96
N SER B 322 11.04 -11.07 33.36
CA SER B 322 10.14 -12.06 33.94
C SER B 322 9.06 -12.51 32.97
N LEU B 323 9.26 -12.21 31.69
CA LEU B 323 8.40 -12.66 30.58
C LEU B 323 7.01 -12.02 30.63
N ARG B 324 6.91 -10.86 31.25
CA ARG B 324 5.68 -10.08 31.24
C ARG B 324 5.72 -9.08 30.09
N ALA B 325 4.58 -8.92 29.41
CA ALA B 325 4.51 -7.95 28.33
C ALA B 325 4.63 -6.53 28.87
N VAL B 326 5.41 -5.71 28.18
CA VAL B 326 5.64 -4.33 28.59
C VAL B 326 4.68 -3.43 27.82
N ALA B 327 4.43 -2.24 28.37
CA ALA B 327 3.58 -1.25 27.71
C ALA B 327 4.37 -0.53 26.63
N PRO B 328 3.70 0.25 25.78
CA PRO B 328 4.43 1.02 24.78
C PRO B 328 5.48 1.93 25.42
N GLY B 329 6.53 2.22 24.65
CA GLY B 329 7.62 3.05 25.12
C GLY B 329 8.58 2.40 26.08
N VAL B 330 8.44 1.09 26.32
CA VAL B 330 9.33 0.37 27.23
C VAL B 330 10.11 -0.66 26.41
N ILE B 331 11.44 -0.58 26.49
CA ILE B 331 12.31 -1.50 25.77
C ILE B 331 12.32 -2.85 26.46
N GLY B 332 12.22 -3.92 25.67
CA GLY B 332 12.31 -5.27 26.17
C GLY B 332 12.80 -6.22 25.10
N ASP B 333 12.77 -7.52 25.41
CA ASP B 333 13.26 -8.54 24.49
C ASP B 333 12.19 -8.87 23.46
N LEU B 334 12.61 -8.99 22.22
CA LEU B 334 11.68 -9.24 21.12
C LEU B 334 11.60 -10.74 20.81
N TYR B 335 10.38 -11.25 20.79
CA TYR B 335 10.08 -12.64 20.47
C TYR B 335 9.13 -12.69 19.27
N LEU B 336 9.35 -13.63 18.37
CA LEU B 336 8.54 -13.72 17.15
C LEU B 336 7.77 -15.03 17.11
N SER B 337 6.49 -14.97 16.74
CA SER B 337 5.72 -16.19 16.73
C SER B 337 4.68 -16.15 15.63
N GLY B 338 3.78 -17.12 15.66
CA GLY B 338 2.86 -17.32 14.56
C GLY B 338 3.51 -18.04 13.40
N ALA B 339 3.20 -17.61 12.19
CA ALA B 339 3.67 -18.30 11.00
C ALA B 339 5.17 -18.10 10.79
N GLY B 340 5.75 -19.00 9.99
CA GLY B 340 7.08 -18.80 9.46
C GLY B 340 8.23 -19.39 10.24
N LEU B 341 8.00 -20.05 11.37
CA LEU B 341 9.14 -20.53 12.15
C LEU B 341 9.81 -21.72 11.48
N ALA B 342 11.14 -21.74 11.54
CA ALA B 342 11.87 -22.94 11.19
C ALA B 342 11.53 -24.08 12.14
N ASP B 343 11.88 -25.30 11.74
CA ASP B 343 11.72 -26.41 12.66
C ASP B 343 12.81 -26.41 13.73
N GLY B 344 13.99 -25.88 13.40
CA GLY B 344 15.09 -25.83 14.33
C GLY B 344 16.41 -25.83 13.58
N TYR B 345 17.48 -26.14 14.33
CA TYR B 345 18.82 -26.19 13.78
C TYR B 345 19.20 -27.65 13.58
N LEU B 346 19.74 -27.96 12.40
CA LEU B 346 20.14 -29.32 12.13
C LEU B 346 21.24 -29.77 13.07
N ARG B 347 21.09 -30.99 13.57
CA ARG B 347 22.04 -31.68 14.45
C ARG B 347 22.16 -31.01 15.81
N ARG B 348 21.30 -30.04 16.15
CA ARG B 348 21.50 -29.21 17.34
C ARG B 348 20.19 -29.05 18.11
N ALA B 349 19.78 -30.15 18.77
CA ALA B 349 18.56 -30.13 19.56
C ALA B 349 18.66 -29.13 20.71
N GLY B 350 19.81 -29.07 21.37
CA GLY B 350 19.96 -28.15 22.50
C GLY B 350 19.78 -26.71 22.10
N LEU B 351 20.48 -26.28 21.05
CA LEU B 351 20.38 -24.90 20.60
C LEU B 351 18.97 -24.60 20.13
N THR B 352 18.30 -25.56 19.50
CA THR B 352 16.92 -25.37 19.09
C THR B 352 16.03 -25.09 20.31
N ALA B 353 16.20 -25.92 21.36
CA ALA B 353 15.39 -25.77 22.57
C ALA B 353 15.68 -24.47 23.30
N GLU B 354 16.85 -23.88 23.10
CA GLU B 354 17.13 -22.66 23.81
C GLU B 354 16.67 -21.41 23.06
N ARG B 355 16.37 -21.52 21.76
N ARG B 355 16.39 -21.52 21.76
CA ARG B 355 15.96 -20.36 20.98
CA ARG B 355 15.96 -20.37 20.96
C ARG B 355 14.54 -20.46 20.45
C ARG B 355 14.54 -20.46 20.46
N PHE B 356 14.02 -21.66 20.23
CA PHE B 356 12.62 -21.85 19.80
C PHE B 356 11.86 -22.32 21.03
N VAL B 357 11.34 -21.37 21.79
CA VAL B 357 10.87 -21.64 23.15
C VAL B 357 9.35 -21.61 23.22
N ALA B 358 8.82 -22.14 24.31
CA ALA B 358 7.37 -22.14 24.52
C ALA B 358 6.84 -20.71 24.46
N ASP B 359 5.67 -20.54 23.81
CA ASP B 359 5.01 -19.24 23.68
C ASP B 359 3.84 -19.19 24.66
N PRO B 360 3.92 -18.38 25.71
CA PRO B 360 2.84 -18.38 26.72
C PRO B 360 1.51 -17.85 26.21
N SER B 361 1.47 -17.23 25.04
CA SER B 361 0.23 -16.66 24.50
C SER B 361 -0.49 -17.57 23.50
N ALA B 362 0.05 -18.76 23.22
CA ALA B 362 -0.53 -19.61 22.17
C ALA B 362 -0.33 -21.07 22.51
N PRO B 363 -1.41 -21.83 22.72
CA PRO B 363 -1.26 -23.17 23.31
C PRO B 363 -0.40 -24.09 22.45
N GLY B 364 0.57 -24.71 23.10
CA GLY B 364 1.45 -25.68 22.46
C GLY B 364 2.43 -25.10 21.47
N ALA B 365 2.42 -23.78 21.26
CA ALA B 365 3.18 -23.16 20.20
C ALA B 365 4.54 -22.68 20.67
N ARG B 366 5.39 -22.36 19.70
CA ARG B 366 6.73 -21.86 19.96
C ARG B 366 6.87 -20.40 19.53
N MET B 367 7.83 -19.72 20.14
CA MET B 367 8.25 -18.39 19.72
C MET B 367 9.76 -18.35 19.60
N TYR B 368 10.27 -17.57 18.66
CA TYR B 368 11.70 -17.51 18.40
C TYR B 368 12.30 -16.32 19.15
N ARG B 369 13.37 -16.57 19.91
CA ARG B 369 14.07 -15.51 20.63
C ARG B 369 15.05 -14.82 19.69
N THR B 370 14.75 -13.57 19.31
CA THR B 370 15.59 -12.88 18.35
C THR B 370 16.95 -12.50 18.92
N GLY B 371 17.04 -12.29 20.23
CA GLY B 371 18.20 -11.69 20.83
C GLY B 371 18.33 -10.21 20.59
N ASP B 372 17.29 -9.58 20.02
CA ASP B 372 17.22 -8.14 19.82
C ASP B 372 16.29 -7.52 20.86
N LEU B 373 16.50 -6.22 21.07
CA LEU B 373 15.62 -5.42 21.89
C LEU B 373 14.71 -4.58 21.00
N ALA B 374 13.54 -4.24 21.53
CA ALA B 374 12.57 -3.44 20.79
C ALA B 374 11.61 -2.77 21.77
N GLN B 375 10.89 -1.77 21.26
CA GLN B 375 9.80 -1.15 21.98
C GLN B 375 8.65 -0.91 21.02
N TRP B 376 7.44 -0.93 21.57
CA TRP B 376 6.26 -0.62 20.81
C TRP B 376 6.03 0.89 20.76
N THR B 377 5.48 1.36 19.64
CA THR B 377 4.89 2.69 19.60
C THR B 377 3.50 2.66 20.21
N ALA B 378 2.93 3.84 20.44
CA ALA B 378 1.60 3.90 21.05
C ALA B 378 0.57 3.16 20.20
N ASP B 379 0.71 3.18 18.87
CA ASP B 379 -0.26 2.60 17.96
C ASP B 379 0.18 1.24 17.40
N GLY B 380 1.15 0.58 18.02
CA GLY B 380 1.40 -0.81 17.74
C GLY B 380 2.46 -1.15 16.72
N ALA B 381 3.34 -0.22 16.37
CA ALA B 381 4.51 -0.54 15.56
C ALA B 381 5.67 -0.85 16.49
N LEU B 382 6.72 -1.45 15.93
CA LEU B 382 7.91 -1.82 16.68
C LEU B 382 9.09 -0.98 16.27
N LEU B 383 9.84 -0.48 17.25
CA LEU B 383 11.10 0.21 17.01
C LEU B 383 12.25 -0.68 17.48
N PHE B 384 13.26 -0.84 16.63
CA PHE B 384 14.47 -1.55 17.00
C PHE B 384 15.21 -0.79 18.10
N ALA B 385 15.75 -1.52 19.07
CA ALA B 385 16.48 -0.92 20.18
C ALA B 385 17.83 -1.60 20.42
N GLY B 386 18.35 -2.31 19.42
CA GLY B 386 19.70 -2.86 19.47
C GLY B 386 19.73 -4.32 19.89
N ARG B 387 20.94 -4.87 19.87
CA ARG B 387 21.16 -6.25 20.30
C ARG B 387 21.07 -6.36 21.83
N ALA B 388 20.54 -7.48 22.31
CA ALA B 388 20.51 -7.77 23.73
C ALA B 388 21.93 -8.11 24.20
N THR C 2 19.73 -9.37 29.96
CA THR C 2 19.10 -9.80 31.21
C THR C 2 17.93 -10.75 31.01
N ASN C 3 17.61 -11.13 29.76
CA ASN C 3 16.50 -12.05 29.57
C ASN C 3 16.83 -13.36 30.29
N PRO C 4 15.83 -14.04 30.83
CA PRO C 4 16.12 -15.20 31.69
C PRO C 4 16.63 -16.40 30.93
N PHE C 5 16.41 -16.48 29.63
CA PHE C 5 16.83 -17.70 28.91
C PHE C 5 18.34 -17.78 28.76
N ASP C 6 19.04 -16.66 28.80
CA ASP C 6 20.48 -16.65 28.57
C ASP C 6 21.29 -16.54 29.87
N ASN C 7 20.64 -16.69 31.03
CA ASN C 7 21.36 -16.65 32.30
C ASN C 7 22.02 -18.01 32.54
N GLU C 8 23.35 -18.06 32.42
CA GLU C 8 24.06 -19.32 32.62
C GLU C 8 23.87 -19.88 34.02
N ASP C 9 23.51 -19.04 34.99
CA ASP C 9 23.36 -19.42 36.38
C ASP C 9 21.91 -19.48 36.82
N GLY C 10 20.99 -19.48 35.87
CA GLY C 10 19.61 -19.60 36.20
C GLY C 10 19.21 -21.01 36.56
N SER C 11 17.96 -21.13 37.00
CA SER C 11 17.30 -22.39 37.26
C SER C 11 16.27 -22.63 36.17
N PHE C 12 16.31 -23.81 35.56
CA PHE C 12 15.54 -24.04 34.36
C PHE C 12 14.80 -25.36 34.41
N LEU C 13 13.74 -25.41 33.60
CA LEU C 13 13.04 -26.62 33.23
C LEU C 13 13.29 -26.94 31.77
N VAL C 14 13.03 -28.20 31.40
CA VAL C 14 12.79 -28.60 30.01
C VAL C 14 11.31 -28.90 29.86
N LEU C 15 10.67 -28.28 28.86
CA LEU C 15 9.29 -28.52 28.53
C LEU C 15 9.19 -29.25 27.20
N VAL C 16 8.11 -30.01 27.03
N VAL C 16 8.11 -30.01 27.02
CA VAL C 16 7.79 -30.67 25.77
CA VAL C 16 7.81 -30.67 25.76
C VAL C 16 6.35 -30.35 25.39
C VAL C 16 6.36 -30.39 25.39
N ASN C 17 6.09 -30.24 24.09
CA ASN C 17 4.74 -30.05 23.59
C ASN C 17 4.29 -31.34 22.88
N GLY C 18 3.08 -31.29 22.32
CA GLY C 18 2.49 -32.43 21.65
C GLY C 18 3.23 -32.87 20.41
N GLU C 19 3.96 -31.97 19.76
CA GLU C 19 4.80 -32.34 18.63
C GLU C 19 6.15 -32.92 19.05
N GLY C 20 6.40 -33.08 20.35
CA GLY C 20 7.66 -33.56 20.82
C GLY C 20 8.78 -32.55 20.80
N GLN C 21 8.48 -31.29 20.49
CA GLN C 21 9.50 -30.25 20.51
C GLN C 21 9.84 -29.90 21.95
N HIS C 22 11.12 -29.73 22.22
CA HIS C 22 11.60 -29.40 23.57
C HIS C 22 11.94 -27.92 23.67
N SER C 23 11.70 -27.35 24.86
CA SER C 23 11.98 -25.95 25.13
C SER C 23 12.68 -25.80 26.46
N LEU C 24 13.75 -25.00 26.49
CA LEU C 24 14.26 -24.47 27.76
C LEU C 24 13.22 -23.55 28.36
N TRP C 25 13.15 -23.51 29.70
CA TRP C 25 12.16 -22.62 30.33
C TRP C 25 12.64 -22.16 31.70
N PRO C 26 12.56 -20.87 32.01
CA PRO C 26 12.95 -20.42 33.36
C PRO C 26 12.02 -21.02 34.41
N ALA C 27 12.60 -21.57 35.47
CA ALA C 27 11.77 -22.30 36.43
C ALA C 27 10.85 -21.38 37.22
N PHE C 28 11.14 -20.07 37.26
CA PHE C 28 10.26 -19.16 37.97
C PHE C 28 8.97 -18.88 37.23
N ALA C 29 8.92 -19.18 35.93
CA ALA C 29 7.83 -18.75 35.08
C ALA C 29 6.77 -19.84 34.96
N GLU C 30 5.51 -19.42 34.98
CA GLU C 30 4.40 -20.33 34.73
C GLU C 30 4.64 -21.11 33.43
N VAL C 31 4.36 -22.42 33.49
CA VAL C 31 4.48 -23.29 32.33
C VAL C 31 3.33 -23.00 31.38
N PRO C 32 3.61 -22.67 30.12
CA PRO C 32 2.54 -22.33 29.17
C PRO C 32 1.61 -23.49 28.89
N ASP C 33 0.37 -23.13 28.51
CA ASP C 33 -0.61 -24.14 28.12
CA ASP C 33 -0.63 -24.11 28.10
C ASP C 33 -0.12 -24.91 26.90
N GLY C 34 -0.39 -26.21 26.90
CA GLY C 34 0.07 -27.07 25.81
C GLY C 34 1.49 -27.57 25.96
N TRP C 35 2.18 -27.21 27.05
CA TRP C 35 3.53 -27.64 27.32
C TRP C 35 3.56 -28.37 28.66
N THR C 36 4.47 -29.34 28.78
CA THR C 36 4.62 -30.14 29.99
C THR C 36 6.07 -30.19 30.40
N GLY C 37 6.33 -29.94 31.69
CA GLY C 37 7.70 -30.04 32.18
C GLY C 37 8.10 -31.50 32.29
N VAL C 38 9.29 -31.82 31.79
CA VAL C 38 9.81 -33.17 31.82
C VAL C 38 11.16 -33.27 32.51
N HIS C 39 11.77 -32.14 32.91
CA HIS C 39 13.07 -32.17 33.58
C HIS C 39 13.29 -30.85 34.33
N GLY C 40 13.98 -30.95 35.47
CA GLY C 40 14.29 -29.79 36.28
C GLY C 40 13.34 -29.62 37.43
N PRO C 41 13.53 -28.55 38.23
CA PRO C 41 14.53 -27.49 38.06
C PRO C 41 15.95 -28.01 38.13
N ALA C 42 16.79 -27.44 37.28
CA ALA C 42 18.17 -27.85 37.13
C ALA C 42 18.92 -26.73 36.43
N SER C 43 20.24 -26.86 36.40
CA SER C 43 21.08 -25.88 35.76
C SER C 43 20.79 -25.84 34.25
N ARG C 44 21.22 -24.74 33.63
CA ARG C 44 21.01 -24.58 32.18
C ARG C 44 21.74 -25.68 31.42
N GLN C 45 22.99 -25.95 31.78
CA GLN C 45 23.75 -27.01 31.10
C GLN C 45 23.12 -28.38 31.33
N ASP C 46 22.63 -28.64 32.53
CA ASP C 46 21.97 -29.92 32.78
C ASP C 46 20.73 -30.06 31.91
N CYS C 47 19.96 -28.98 31.76
CA CYS C 47 18.74 -29.04 30.95
C CYS C 47 19.07 -29.24 29.48
N LEU C 48 20.07 -28.53 28.96
CA LEU C 48 20.47 -28.72 27.57
C LEU C 48 21.06 -30.11 27.34
N GLY C 49 21.74 -30.66 28.34
CA GLY C 49 22.17 -32.05 28.25
C GLY C 49 21.01 -33.01 28.14
N TYR C 50 19.97 -32.80 28.95
CA TYR C 50 18.78 -33.61 28.84
C TYR C 50 18.18 -33.52 27.44
N VAL C 51 18.10 -32.30 26.89
CA VAL C 51 17.54 -32.15 25.53
C VAL C 51 18.38 -32.94 24.53
N GLU C 52 19.71 -32.83 24.61
CA GLU C 52 20.56 -33.51 23.65
C GLU C 52 20.40 -35.03 23.77
N GLN C 53 20.23 -35.52 25.00
CA GLN C 53 20.06 -36.96 25.21
C GLN C 53 18.71 -37.44 24.71
N ASN C 54 17.66 -36.63 24.84
CA ASN C 54 16.30 -37.14 24.67
C ASN C 54 15.57 -36.65 23.44
N TRP C 55 15.93 -35.52 22.86
CA TRP C 55 15.25 -35.03 21.66
C TRP C 55 16.15 -35.45 20.51
N THR C 56 15.93 -36.67 20.02
CA THR C 56 16.82 -37.28 19.04
C THR C 56 16.28 -37.20 17.62
N ASP C 57 15.05 -36.76 17.45
CA ASP C 57 14.42 -36.58 16.13
C ASP C 57 13.79 -35.20 16.12
N LEU C 58 14.40 -34.26 15.41
N LEU C 58 14.41 -34.26 15.41
CA LEU C 58 13.90 -32.90 15.38
CA LEU C 58 13.93 -32.89 15.33
C LEU C 58 12.63 -32.75 14.55
C LEU C 58 12.60 -32.78 14.62
N ARG C 59 12.21 -33.79 13.85
CA ARG C 59 10.95 -33.72 13.12
C ARG C 59 9.79 -33.69 14.10
N PRO C 60 8.82 -32.80 13.89
CA PRO C 60 7.60 -32.83 14.72
C PRO C 60 6.93 -34.20 14.63
N LYS C 61 6.37 -34.66 15.76
CA LYS C 61 5.84 -36.01 15.82
C LYS C 61 4.72 -36.21 14.81
N SER C 62 3.96 -35.16 14.49
CA SER C 62 2.91 -35.30 13.48
C SER C 62 3.48 -35.62 12.10
N LEU C 63 4.67 -35.10 11.77
CA LEU C 63 5.31 -35.45 10.50
C LEU C 63 5.73 -36.92 10.49
N ILE C 64 6.22 -37.42 11.63
CA ILE C 64 6.73 -38.79 11.66
C ILE C 64 5.58 -39.80 11.57
N SER C 65 4.45 -39.48 12.18
CA SER C 65 3.36 -40.46 12.30
C SER C 65 2.35 -40.37 11.16
N GLN C 66 2.25 -39.24 10.48
CA GLN C 66 1.10 -39.03 9.60
C GLN C 66 1.15 -39.95 8.39
N ILE C 67 0.03 -40.61 8.11
CA ILE C 67 -0.17 -41.38 6.89
C ILE C 67 -1.48 -40.96 6.24
N SER C 68 -2.28 -40.15 6.94
CA SER C 68 -3.56 -39.72 6.40
C SER C 68 -3.34 -38.79 5.21
N ASP C 69 -4.17 -38.98 4.18
CA ASP C 69 -4.23 -38.05 3.06
C ASP C 69 -5.46 -37.16 3.24
N THR D 2 -19.60 25.81 21.63
CA THR D 2 -19.77 26.61 20.42
C THR D 2 -18.42 26.98 19.82
N ASN D 3 -18.27 26.74 18.52
CA ASN D 3 -17.05 27.13 17.85
C ASN D 3 -16.87 28.64 17.96
N PRO D 4 -15.65 29.13 18.27
CA PRO D 4 -15.49 30.58 18.49
C PRO D 4 -15.80 31.40 17.27
N PHE D 5 -15.65 30.86 16.06
CA PHE D 5 -16.01 31.64 14.88
C PHE D 5 -17.51 31.79 14.71
N ASP D 6 -18.32 31.05 15.47
CA ASP D 6 -19.77 31.16 15.40
C ASP D 6 -20.38 31.88 16.60
N ASN D 7 -19.55 32.37 17.53
CA ASN D 7 -20.06 32.93 18.77
C ASN D 7 -20.60 34.34 18.51
N GLU D 8 -21.93 34.50 18.52
CA GLU D 8 -22.52 35.78 18.19
C GLU D 8 -22.25 36.85 19.24
N ASP D 9 -21.86 36.44 20.44
CA ASP D 9 -21.50 37.37 21.51
C ASP D 9 -20.00 37.62 21.58
N GLY D 10 -19.23 37.08 20.64
CA GLY D 10 -17.80 37.28 20.66
C GLY D 10 -17.40 38.63 20.11
N SER D 11 -16.14 38.97 20.37
CA SER D 11 -15.52 40.17 19.81
C SER D 11 -14.60 39.71 18.69
N PHE D 12 -14.65 40.41 17.55
CA PHE D 12 -13.97 39.92 16.36
C PHE D 12 -13.18 41.00 15.64
N LEU D 13 -12.14 40.53 14.96
CA LEU D 13 -11.37 41.29 13.99
C LEU D 13 -11.65 40.78 12.58
N VAL D 14 -11.36 41.63 11.60
CA VAL D 14 -11.17 41.18 10.22
C VAL D 14 -9.67 41.26 9.93
N LEU D 15 -9.13 40.19 9.36
CA LEU D 15 -7.73 40.13 8.96
C LEU D 15 -7.63 39.98 7.45
N VAL D 16 -6.55 40.51 6.89
N VAL D 16 -6.52 40.47 6.89
CA VAL D 16 -6.23 40.35 5.48
CA VAL D 16 -6.27 40.36 5.45
C VAL D 16 -4.82 39.78 5.37
C VAL D 16 -4.81 39.93 5.25
N ASN D 17 -4.60 38.95 4.37
CA ASN D 17 -3.27 38.46 4.08
C ASN D 17 -2.72 39.17 2.83
N GLY D 18 -1.52 38.75 2.41
CA GLY D 18 -0.87 39.39 1.29
C GLY D 18 -1.55 39.16 -0.03
N GLU D 19 -2.42 38.16 -0.11
CA GLU D 19 -3.22 37.87 -1.30
C GLU D 19 -4.57 38.55 -1.29
N GLY D 20 -4.85 39.42 -0.31
CA GLY D 20 -6.12 40.11 -0.25
C GLY D 20 -7.27 39.28 0.29
N GLN D 21 -7.02 38.06 0.72
CA GLN D 21 -8.08 37.23 1.31
C GLN D 21 -8.41 37.74 2.70
N HIS D 22 -9.69 37.76 3.03
CA HIS D 22 -10.13 38.22 4.35
C HIS D 22 -10.50 37.03 5.23
N SER D 23 -10.29 37.20 6.54
CA SER D 23 -10.69 36.22 7.54
C SER D 23 -11.34 36.91 8.73
N LEU D 24 -12.43 36.36 9.23
CA LEU D 24 -12.86 36.73 10.58
C LEU D 24 -11.87 36.14 11.57
N TRP D 25 -11.76 36.78 12.73
CA TRP D 25 -10.83 36.29 13.75
C TRP D 25 -11.30 36.66 15.15
N PRO D 26 -11.33 35.71 16.07
CA PRO D 26 -11.73 36.04 17.44
C PRO D 26 -10.67 36.91 18.08
N ALA D 27 -11.10 38.02 18.66
CA ALA D 27 -10.15 39.02 19.15
C ALA D 27 -9.28 38.46 20.27
N PHE D 28 -9.70 37.37 20.93
CA PHE D 28 -8.91 36.82 22.04
C PHE D 28 -7.68 36.07 21.56
N ALA D 29 -7.58 35.76 20.29
CA ALA D 29 -6.50 34.91 19.79
C ALA D 29 -5.43 35.76 19.13
N GLU D 30 -4.17 35.39 19.37
CA GLU D 30 -3.06 36.01 18.67
C GLU D 30 -3.29 35.99 17.16
N VAL D 31 -3.04 37.12 16.51
CA VAL D 31 -3.20 37.25 15.06
C VAL D 31 -2.11 36.45 14.40
N PRO D 32 -2.42 35.50 13.51
CA PRO D 32 -1.35 34.71 12.89
C PRO D 32 -0.41 35.54 12.04
N ASP D 33 0.85 35.10 12.02
CA ASP D 33 1.86 35.64 11.12
C ASP D 33 1.36 35.67 9.67
N GLY D 34 1.62 36.78 8.99
CA GLY D 34 1.22 36.95 7.60
C GLY D 34 -0.14 37.57 7.40
N TRP D 35 -0.83 37.90 8.49
CA TRP D 35 -2.15 38.50 8.47
C TRP D 35 -2.12 39.84 9.21
N THR D 36 -2.86 40.80 8.69
CA THR D 36 -2.96 42.14 9.27
C THR D 36 -4.40 42.42 9.67
N GLY D 37 -4.60 42.94 10.87
CA GLY D 37 -5.93 43.38 11.26
C GLY D 37 -6.30 44.67 10.54
N VAL D 38 -7.48 44.69 9.92
CA VAL D 38 -7.96 45.85 9.20
C VAL D 38 -9.29 46.37 9.72
N HIS D 39 -9.90 45.67 10.67
CA HIS D 39 -11.19 46.12 11.21
C HIS D 39 -11.38 45.45 12.55
N GLY D 40 -12.05 46.18 13.45
CA GLY D 40 -12.36 45.66 14.76
C GLY D 40 -11.38 46.11 15.80
N PRO D 41 -11.58 45.68 17.05
CA PRO D 41 -12.62 44.75 17.51
C PRO D 41 -14.04 45.28 17.34
N ALA D 42 -14.92 44.40 16.88
CA ALA D 42 -16.31 44.74 16.57
C ALA D 42 -17.13 43.46 16.67
N SER D 43 -18.45 43.61 16.57
CA SER D 43 -19.30 42.45 16.65
C SER D 43 -19.06 41.54 15.45
N ARG D 44 -19.49 40.29 15.59
CA ARG D 44 -19.39 39.33 14.51
C ARG D 44 -20.12 39.82 13.27
N GLN D 45 -21.33 40.37 13.45
CA GLN D 45 -22.10 40.82 12.30
C GLN D 45 -21.43 42.01 11.61
N ASP D 46 -20.91 42.94 12.40
CA ASP D 46 -20.20 44.10 11.86
C ASP D 46 -19.02 43.65 11.01
N CYS D 47 -18.29 42.65 11.45
CA CYS D 47 -17.15 42.14 10.69
C CYS D 47 -17.61 41.49 9.39
N LEU D 48 -18.74 40.77 9.41
CA LEU D 48 -19.23 40.21 8.16
C LEU D 48 -19.60 41.30 7.18
N GLY D 49 -20.16 42.40 7.69
CA GLY D 49 -20.51 43.51 6.81
C GLY D 49 -19.29 44.15 6.19
N TYR D 50 -18.24 44.33 7.00
CA TYR D 50 -16.98 44.86 6.48
C TYR D 50 -16.43 43.98 5.37
N VAL D 51 -16.48 42.65 5.57
CA VAL D 51 -15.93 41.76 4.54
C VAL D 51 -16.75 41.84 3.27
N GLU D 52 -18.07 41.76 3.39
CA GLU D 52 -18.91 41.78 2.21
C GLU D 52 -18.72 43.06 1.42
N GLN D 53 -18.55 44.17 2.13
CA GLN D 53 -18.37 45.44 1.45
C GLN D 53 -17.03 45.51 0.74
N ASN D 54 -15.97 45.00 1.37
CA ASN D 54 -14.61 45.33 0.94
C ASN D 54 -13.89 44.21 0.22
N TRP D 55 -14.32 42.96 0.37
CA TRP D 55 -13.69 41.83 -0.36
C TRP D 55 -14.59 41.49 -1.53
N THR D 56 -14.27 42.04 -2.69
CA THR D 56 -15.15 41.98 -3.84
C THR D 56 -14.72 40.96 -4.88
N ASP D 57 -13.51 40.42 -4.77
CA ASP D 57 -13.02 39.42 -5.72
C ASP D 57 -12.28 38.36 -4.92
N LEU D 58 -12.79 37.13 -4.94
CA LEU D 58 -12.18 36.09 -4.13
C LEU D 58 -10.79 35.71 -4.60
N ARG D 59 -10.47 35.99 -5.86
CA ARG D 59 -9.23 35.47 -6.42
C ARG D 59 -8.05 36.02 -5.63
N PRO D 60 -7.11 35.18 -5.23
CA PRO D 60 -5.90 35.70 -4.55
C PRO D 60 -5.13 36.64 -5.46
N LYS D 61 -4.73 37.77 -4.89
CA LYS D 61 -3.98 38.79 -5.61
C LYS D 61 -2.62 38.28 -6.07
#